data_3KEB
#
_entry.id   3KEB
#
_cell.length_a   74.630
_cell.length_b   59.387
_cell.length_c   93.484
_cell.angle_alpha   90.000
_cell.angle_beta   98.300
_cell.angle_gamma   90.000
#
_symmetry.space_group_name_H-M   'P 1 21 1'
#
loop_
_entity.id
_entity.type
_entity.pdbx_description
1 polymer 'Probable thiol peroxidase'
2 non-polymer 'SULFATE ION'
3 non-polymer 'CHLORIDE ION'
4 water water
#
_entity_poly.entity_id   1
_entity_poly.type   'polypeptide(L)'
_entity_poly.pdbx_seq_one_letter_code
;GH(MSE)EDFWVQYGDE(MSE)LPVIGDFPRKGDYLPSF(MSE)LVDDQKHDAALESFSHTPKLIVTLLSVDEDEHAGLL
LLRETRRFLDSWPHLKLIVITVDSPSSLARARHEHGLPNIALLSTLRGRDFHKRYGVLITEYPLSGYTSPAIILADAANV
VHYSERLANTRDFFDFDAIEKLLQEGEQQA(MSE)AAEREAAEARQEQDAEREKGTERLLEKAKLIQDQLNRNGDPGRGS
;
_entity_poly.pdbx_strand_id   A,B,C,D
#
# COMPACT_ATOMS: atom_id res chain seq x y z
N GLU A 4 -27.11 17.14 25.29
CA GLU A 4 -25.86 16.97 24.45
C GLU A 4 -24.61 17.63 25.10
N ASP A 5 -23.42 17.10 24.88
CA ASP A 5 -22.19 17.62 25.44
CA ASP A 5 -22.32 17.79 25.47
C ASP A 5 -21.48 18.48 24.40
N PHE A 6 -21.78 18.26 23.11
CA PHE A 6 -21.03 18.94 22.06
C PHE A 6 -21.81 19.03 20.73
N TRP A 7 -21.56 20.09 19.90
CA TRP A 7 -22.22 20.27 18.62
C TRP A 7 -21.22 20.67 17.57
N VAL A 8 -21.43 20.18 16.36
CA VAL A 8 -20.63 20.56 15.23
C VAL A 8 -21.55 21.16 14.19
N GLN A 9 -21.11 22.26 13.62
CA GLN A 9 -21.83 22.93 12.56
C GLN A 9 -21.31 22.48 11.21
N TYR A 10 -22.24 22.06 10.36
CA TYR A 10 -21.94 21.56 9.02
C TYR A 10 -22.89 22.30 8.10
N GLY A 11 -22.38 23.32 7.41
CA GLY A 11 -23.27 24.23 6.65
C GLY A 11 -24.26 24.88 7.57
N ASP A 12 -25.54 24.72 7.25
CA ASP A 12 -26.60 25.28 8.09
CA ASP A 12 -26.59 25.29 8.09
C ASP A 12 -27.14 24.27 9.11
N GLU A 13 -26.50 23.13 9.28
CA GLU A 13 -27.01 22.16 10.28
C GLU A 13 -26.09 22.18 11.51
N LEU A 15 -25.28 19.70 14.67
CA LEU A 15 -25.46 18.28 14.93
C LEU A 15 -24.80 17.87 16.22
N PRO A 16 -25.50 17.08 17.03
CA PRO A 16 -24.80 16.57 18.24
C PRO A 16 -23.66 15.65 17.94
N VAL A 17 -22.66 15.69 18.80
CA VAL A 17 -21.54 14.77 18.78
C VAL A 17 -21.56 14.07 20.12
N ILE A 18 -21.47 12.75 20.08
CA ILE A 18 -21.77 11.89 21.18
C ILE A 18 -20.56 11.09 21.65
N GLY A 19 -20.48 10.89 22.97
CA GLY A 19 -19.43 10.06 23.56
C GLY A 19 -18.50 10.90 24.40
N ASP A 20 -17.54 10.25 25.03
CA ASP A 20 -16.56 10.90 25.91
C ASP A 20 -15.26 11.13 25.15
N PHE A 21 -15.02 12.36 24.83
CA PHE A 21 -13.85 12.73 24.03
C PHE A 21 -12.65 12.76 24.98
N PRO A 22 -11.53 12.11 24.60
CA PRO A 22 -10.35 12.10 25.50
C PRO A 22 -9.82 13.49 25.83
N ARG A 23 -9.37 13.62 27.07
CA ARG A 23 -8.88 14.89 27.62
CA ARG A 23 -8.91 14.88 27.61
C ARG A 23 -7.43 14.80 28.02
N LYS A 24 -6.80 15.95 28.16
CA LYS A 24 -5.43 16.06 28.64
C LYS A 24 -5.26 15.20 29.89
N GLY A 25 -4.23 14.38 29.91
CA GLY A 25 -3.91 13.51 31.03
C GLY A 25 -4.50 12.12 30.97
N ASP A 26 -5.50 11.92 30.10
CA ASP A 26 -6.05 10.59 29.83
C ASP A 26 -5.09 9.71 29.03
N TYR A 27 -5.15 8.41 29.28
CA TYR A 27 -4.57 7.41 28.37
C TYR A 27 -5.57 7.20 27.23
N LEU A 28 -5.08 7.15 26.00
CA LEU A 28 -5.95 6.87 24.84
C LEU A 28 -6.76 5.62 25.02
N PRO A 29 -8.06 5.70 24.67
CA PRO A 29 -8.83 4.45 24.59
C PRO A 29 -8.29 3.51 23.54
N SER A 30 -8.37 2.21 23.81
CA SER A 30 -7.92 1.21 22.88
C SER A 30 -8.80 1.29 21.65
N PHE A 31 -8.26 0.88 20.53
CA PHE A 31 -9.06 0.76 19.32
C PHE A 31 -8.64 -0.48 18.54
N LEU A 33 -8.99 -1.06 14.59
CA LEU A 33 -9.37 -0.47 13.33
C LEU A 33 -8.75 -1.28 12.19
N VAL A 34 -8.97 -0.84 10.95
CA VAL A 34 -8.35 -1.50 9.82
CA VAL A 34 -8.47 -1.51 9.75
C VAL A 34 -7.75 -0.43 8.91
N ASP A 35 -6.53 -0.65 8.50
CA ASP A 35 -5.81 0.35 7.70
C ASP A 35 -6.09 0.20 6.21
N ASP A 36 -5.46 1.07 5.42
CA ASP A 36 -5.75 1.09 4.00
C ASP A 36 -5.33 -0.12 3.19
N GLN A 37 -4.43 -0.94 3.72
CA GLN A 37 -4.11 -2.23 3.10
C GLN A 37 -4.85 -3.39 3.73
N LYS A 38 -5.91 -3.08 4.49
CA LYS A 38 -6.80 -4.09 5.08
C LYS A 38 -6.23 -4.87 6.29
N HIS A 39 -5.12 -4.38 6.81
CA HIS A 39 -4.48 -4.90 8.04
C HIS A 39 -5.09 -4.38 9.31
N ASP A 40 -5.22 -5.24 10.30
CA ASP A 40 -5.66 -4.82 11.64
C ASP A 40 -4.73 -3.74 12.18
N ALA A 41 -5.30 -2.75 12.86
CA ALA A 41 -4.51 -1.63 13.41
C ALA A 41 -5.00 -1.42 14.85
N ALA A 42 -4.10 -1.50 15.81
CA ALA A 42 -4.42 -1.17 17.19
C ALA A 42 -3.41 -0.13 17.67
N LEU A 43 -3.59 0.39 18.89
CA LEU A 43 -2.58 1.29 19.48
C LEU A 43 -1.20 0.70 19.45
N GLU A 44 -1.11 -0.58 19.78
CA GLU A 44 0.17 -1.32 19.72
C GLU A 44 0.81 -1.32 18.37
N SER A 45 0.05 -1.08 17.30
CA SER A 45 0.64 -0.98 15.98
C SER A 45 1.55 0.23 15.86
N PHE A 46 1.39 1.21 16.75
CA PHE A 46 2.12 2.47 16.73
C PHE A 46 2.88 2.58 18.04
N SER A 47 3.66 1.56 18.33
CA SER A 47 4.36 1.58 19.60
C SER A 47 5.63 2.45 19.52
N HIS A 48 5.97 2.95 20.71
CA HIS A 48 7.14 3.78 20.92
C HIS A 48 7.20 5.01 20.01
N THR A 49 6.06 5.66 19.79
CA THR A 49 6.09 6.94 19.12
C THR A 49 5.00 7.85 19.61
N PRO A 50 5.30 9.14 19.72
CA PRO A 50 4.23 10.07 19.96
C PRO A 50 3.40 10.14 18.70
N LYS A 51 2.17 10.57 18.86
CA LYS A 51 1.26 10.68 17.72
C LYS A 51 0.26 11.73 17.77
N LEU A 52 -0.19 12.07 16.58
CA LEU A 52 -1.20 13.09 16.35
C LEU A 52 -2.34 12.33 15.64
N ILE A 53 -3.39 12.07 16.40
CA ILE A 53 -4.59 11.39 15.85
C ILE A 53 -5.58 12.45 15.34
N VAL A 54 -6.08 12.27 14.13
CA VAL A 54 -7.03 13.17 13.56
C VAL A 54 -8.16 12.36 12.98
N THR A 55 -9.37 12.72 13.36
CA THR A 55 -10.56 12.20 12.71
C THR A 55 -11.01 13.26 11.70
N LEU A 56 -11.29 12.78 10.49
CA LEU A 56 -11.85 13.63 9.41
C LEU A 56 -13.19 13.06 9.06
N LEU A 57 -14.04 13.87 8.43
CA LEU A 57 -15.30 13.33 7.91
C LEU A 57 -15.01 12.26 6.90
N SER A 58 -14.16 12.58 5.91
CA SER A 58 -13.82 11.60 5.00
C SER A 58 -12.60 12.19 4.14
N VAL A 59 -11.72 11.35 3.62
CA VAL A 59 -10.66 11.76 2.64
C VAL A 59 -11.22 12.19 1.28
N ASP A 60 -12.52 12.03 1.06
CA ASP A 60 -13.18 12.50 -0.13
C ASP A 60 -14.03 13.73 0.09
N GLU A 61 -13.89 14.38 1.25
CA GLU A 61 -14.37 15.77 1.43
C GLU A 61 -13.15 16.67 1.17
N ASP A 62 -13.42 17.93 0.89
CA ASP A 62 -12.40 18.93 0.63
C ASP A 62 -12.45 19.99 1.70
N GLU A 63 -13.39 20.95 1.60
CA GLU A 63 -13.47 21.98 2.64
CA GLU A 63 -13.59 22.01 2.60
C GLU A 63 -14.09 21.51 3.96
N HIS A 64 -14.95 20.50 3.93
CA HIS A 64 -15.58 20.03 5.15
C HIS A 64 -14.77 18.91 5.76
N ALA A 65 -13.79 19.31 6.58
CA ALA A 65 -12.95 18.43 7.33
C ALA A 65 -12.48 17.26 6.47
N GLY A 66 -11.72 17.58 5.43
CA GLY A 66 -11.26 16.57 4.47
C GLY A 66 -9.85 16.82 4.11
N LEU A 67 -9.58 16.82 2.81
CA LEU A 67 -8.23 16.91 2.36
C LEU A 67 -7.57 18.25 2.67
N LEU A 68 -8.32 19.34 2.70
CA LEU A 68 -7.67 20.65 3.02
C LEU A 68 -7.16 20.67 4.45
N LEU A 69 -8.00 20.24 5.38
CA LEU A 69 -7.59 20.14 6.75
C LEU A 69 -6.45 19.16 6.97
N LEU A 70 -6.48 18.07 6.24
CA LEU A 70 -5.38 17.13 6.29
C LEU A 70 -4.10 17.82 5.84
N ARG A 71 -4.20 18.61 4.75
CA ARG A 71 -3.06 19.31 4.24
C ARG A 71 -2.47 20.29 5.28
N GLU A 72 -3.33 21.03 5.97
CA GLU A 72 -2.85 22.01 6.95
C GLU A 72 -2.15 21.27 8.12
N THR A 73 -2.66 20.12 8.43
CA THR A 73 -2.10 19.28 9.51
C THR A 73 -0.73 18.73 9.05
N ARG A 74 -0.61 18.25 7.81
CA ARG A 74 0.68 17.83 7.25
CA ARG A 74 0.69 17.84 7.26
C ARG A 74 1.69 18.98 7.28
N ARG A 75 1.24 20.18 6.87
CA ARG A 75 2.11 21.33 6.90
C ARG A 75 2.59 21.68 8.32
N PHE A 76 1.68 21.65 9.29
CA PHE A 76 2.06 21.87 10.68
C PHE A 76 3.17 20.92 11.08
N LEU A 77 3.00 19.66 10.73
CA LEU A 77 3.93 18.59 11.10
C LEU A 77 5.27 18.64 10.37
N ASP A 78 5.47 19.53 9.40
CA ASP A 78 6.80 19.73 8.88
C ASP A 78 7.80 20.09 10.00
N SER A 79 7.33 20.80 11.00
CA SER A 79 8.14 21.17 12.16
C SER A 79 8.37 20.05 13.20
N TRP A 80 7.63 18.95 13.10
CA TRP A 80 7.59 17.91 14.14
C TRP A 80 7.60 16.53 13.46
N PRO A 81 8.73 16.22 12.78
CA PRO A 81 8.84 14.97 12.03
C PRO A 81 8.73 13.69 12.88
N HIS A 82 8.79 13.79 14.21
CA HIS A 82 8.80 12.55 15.00
C HIS A 82 7.41 12.16 15.49
N LEU A 83 6.42 12.97 15.11
CA LEU A 83 5.07 12.82 15.52
CA LEU A 83 5.06 12.79 15.50
C LEU A 83 4.35 12.04 14.42
N LYS A 84 3.84 10.89 14.77
CA LYS A 84 3.16 9.98 13.82
C LYS A 84 1.71 10.46 13.62
N LEU A 85 1.39 10.82 12.39
CA LEU A 85 0.05 11.27 12.01
C LEU A 85 -0.79 10.04 11.70
N ILE A 86 -1.87 9.89 12.46
CA ILE A 86 -2.83 8.78 12.34
C ILE A 86 -4.22 9.40 12.00
N VAL A 87 -4.68 9.17 10.77
CA VAL A 87 -5.95 9.68 10.29
C VAL A 87 -6.97 8.56 10.40
N ILE A 88 -8.13 8.85 11.00
CA ILE A 88 -9.18 7.87 11.20
C ILE A 88 -10.46 8.43 10.58
N THR A 89 -11.13 7.60 9.77
CA THR A 89 -12.39 7.99 9.20
C THR A 89 -13.31 6.81 8.97
N VAL A 90 -14.52 7.12 8.52
CA VAL A 90 -15.51 6.13 8.15
CA VAL A 90 -15.51 6.11 8.15
C VAL A 90 -15.34 5.56 6.77
N ASP A 91 -14.39 6.10 6.02
CA ASP A 91 -14.13 5.61 4.68
C ASP A 91 -13.75 4.14 4.69
N SER A 92 -14.05 3.46 3.59
CA SER A 92 -13.62 2.09 3.44
C SER A 92 -12.08 2.03 3.32
N PRO A 93 -11.48 0.89 3.73
CA PRO A 93 -10.07 0.73 3.41
C PRO A 93 -9.76 0.93 1.92
N SER A 94 -10.60 0.44 1.03
CA SER A 94 -10.38 0.61 -0.41
C SER A 94 -10.27 2.10 -0.81
N SER A 95 -11.19 2.91 -0.31
CA SER A 95 -11.13 4.36 -0.58
C SER A 95 -9.93 5.04 0.05
N LEU A 96 -9.52 4.61 1.23
CA LEU A 96 -8.30 5.15 1.89
C LEU A 96 -7.06 4.81 1.02
N ALA A 97 -7.00 3.58 0.50
CA ALA A 97 -5.92 3.17 -0.39
C ALA A 97 -5.89 3.99 -1.66
N ARG A 98 -7.08 4.29 -2.21
CA ARG A 98 -7.17 5.14 -3.40
C ARG A 98 -6.64 6.57 -3.08
N ALA A 99 -7.04 7.13 -1.95
CA ALA A 99 -6.52 8.45 -1.50
C ALA A 99 -4.99 8.47 -1.44
N ARG A 100 -4.41 7.42 -0.88
CA ARG A 100 -2.94 7.32 -0.78
C ARG A 100 -2.33 7.29 -2.18
N HIS A 101 -2.88 6.45 -3.05
CA HIS A 101 -2.41 6.33 -4.40
C HIS A 101 -2.45 7.67 -5.12
N GLU A 102 -3.54 8.40 -4.93
CA GLU A 102 -3.77 9.65 -5.68
C GLU A 102 -3.07 10.88 -5.07
N HIS A 103 -2.90 10.90 -3.76
CA HIS A 103 -2.37 12.09 -3.05
C HIS A 103 -1.03 11.89 -2.33
N GLY A 104 -0.54 10.67 -2.25
CA GLY A 104 0.73 10.40 -1.58
C GLY A 104 0.71 10.20 -0.06
N LEU A 105 0.49 11.25 0.68
CA LEU A 105 0.24 11.13 2.13
C LEU A 105 1.38 10.37 2.81
N PRO A 106 2.63 10.80 2.57
CA PRO A 106 3.75 10.00 3.04
C PRO A 106 3.77 9.78 4.57
N ASN A 107 3.96 8.54 5.00
CA ASN A 107 4.01 8.20 6.42
C ASN A 107 2.78 8.47 7.26
N ILE A 108 1.65 8.71 6.61
CA ILE A 108 0.42 8.95 7.33
C ILE A 108 -0.28 7.63 7.35
N ALA A 109 -0.70 7.21 8.54
CA ALA A 109 -1.55 6.05 8.66
C ALA A 109 -2.95 6.49 8.33
N LEU A 110 -3.68 5.62 7.60
CA LEU A 110 -5.07 5.82 7.22
C LEU A 110 -5.89 4.64 7.71
N LEU A 111 -6.75 4.90 8.68
CA LEU A 111 -7.50 3.85 9.36
C LEU A 111 -8.98 4.08 9.18
N SER A 112 -9.69 2.98 8.99
CA SER A 112 -11.11 2.94 8.76
C SER A 112 -11.79 2.35 9.98
N THR A 113 -12.96 2.89 10.27
CA THR A 113 -13.76 2.39 11.37
C THR A 113 -14.69 1.26 10.96
N LEU A 114 -14.55 0.74 9.75
CA LEU A 114 -15.52 -0.31 9.38
C LEU A 114 -15.44 -1.57 10.26
N ARG A 115 -14.28 -1.96 10.78
CA ARG A 115 -14.21 -3.24 11.51
CA ARG A 115 -14.12 -3.21 11.57
C ARG A 115 -14.95 -3.10 12.85
N GLY A 116 -15.10 -1.89 13.35
CA GLY A 116 -15.94 -1.67 14.52
C GLY A 116 -16.27 -0.22 14.69
N ARG A 117 -17.51 0.15 14.35
CA ARG A 117 -17.90 1.55 14.38
C ARG A 117 -18.01 2.10 15.83
N ASP A 118 -18.04 1.23 16.86
CA ASP A 118 -18.03 1.64 18.28
C ASP A 118 -16.75 2.47 18.73
N PHE A 119 -15.75 2.51 17.89
CA PHE A 119 -14.70 3.50 18.00
C PHE A 119 -15.32 4.89 18.20
N HIS A 120 -16.32 5.23 17.39
CA HIS A 120 -16.89 6.59 17.43
C HIS A 120 -17.36 6.99 18.84
N LYS A 121 -18.14 6.16 19.51
CA LYS A 121 -18.62 6.59 20.80
C LYS A 121 -17.46 6.63 21.79
N ARG A 122 -16.55 5.65 21.71
CA ARG A 122 -15.45 5.50 22.65
CA ARG A 122 -15.47 5.54 22.69
C ARG A 122 -14.49 6.69 22.58
N TYR A 123 -14.40 7.36 21.41
CA TYR A 123 -13.52 8.53 21.20
C TYR A 123 -14.32 9.85 21.19
N GLY A 124 -15.61 9.79 21.50
CA GLY A 124 -16.45 11.02 21.55
C GLY A 124 -16.60 11.78 20.24
N VAL A 125 -16.74 11.03 19.15
CA VAL A 125 -16.81 11.64 17.82
C VAL A 125 -17.99 11.10 17.03
N LEU A 126 -18.93 10.48 17.72
CA LEU A 126 -20.11 9.91 17.07
C LEU A 126 -21.14 10.97 16.67
N ILE A 127 -21.52 10.97 15.40
CA ILE A 127 -22.65 11.78 14.87
C ILE A 127 -23.74 10.76 14.45
N THR A 128 -24.97 10.95 14.94
CA THR A 128 -26.08 10.10 14.49
C THR A 128 -27.16 10.83 13.66
N GLU A 129 -27.10 12.16 13.51
CA GLU A 129 -28.15 12.88 12.77
C GLU A 129 -27.79 13.22 11.35
N TYR A 130 -28.80 13.22 10.48
CA TYR A 130 -28.71 13.71 9.10
C TYR A 130 -28.10 15.10 9.12
N PRO A 131 -27.21 15.40 8.18
CA PRO A 131 -26.70 14.55 7.10
C PRO A 131 -25.38 13.84 7.38
N LEU A 132 -24.85 13.96 8.59
CA LEU A 132 -23.54 13.37 8.92
C LEU A 132 -23.66 12.09 9.76
N SER A 133 -24.85 11.52 9.81
CA SER A 133 -25.07 10.25 10.48
CA SER A 133 -25.10 10.23 10.47
C SER A 133 -24.05 9.18 10.08
N GLY A 134 -23.43 8.58 11.09
CA GLY A 134 -22.37 7.59 10.91
C GLY A 134 -20.97 8.09 10.75
N TYR A 135 -20.77 9.41 10.52
CA TYR A 135 -19.44 9.89 10.36
C TYR A 135 -18.72 10.08 11.69
N THR A 136 -17.38 10.14 11.63
CA THR A 136 -16.61 10.60 12.80
C THR A 136 -16.47 12.13 12.72
N SER A 137 -16.90 12.82 13.77
CA SER A 137 -16.79 14.25 13.85
C SER A 137 -15.29 14.65 13.86
N PRO A 138 -14.93 15.75 13.22
CA PRO A 138 -13.51 16.08 13.12
C PRO A 138 -12.86 16.53 14.47
N ALA A 139 -11.71 15.94 14.78
CA ALA A 139 -11.03 16.12 16.06
C ALA A 139 -9.54 15.84 15.93
N ILE A 140 -8.81 16.38 16.88
CA ILE A 140 -7.37 16.18 16.89
C ILE A 140 -6.96 15.85 18.26
N ILE A 141 -6.03 14.92 18.38
CA ILE A 141 -5.49 14.51 19.70
C ILE A 141 -4.01 14.27 19.62
N LEU A 142 -3.26 15.02 20.39
CA LEU A 142 -1.82 14.84 20.53
C LEU A 142 -1.58 13.96 21.76
N ALA A 143 -0.87 12.86 21.53
CA ALA A 143 -0.51 11.89 22.60
C ALA A 143 0.97 11.56 22.53
N ASP A 144 1.58 11.36 23.68
CA ASP A 144 2.97 10.95 23.72
C ASP A 144 3.16 9.45 23.45
N ALA A 145 4.38 8.96 23.60
CA ALA A 145 4.67 7.59 23.25
C ALA A 145 4.05 6.61 24.27
N ALA A 146 3.70 7.11 25.47
CA ALA A 146 2.95 6.34 26.46
C ALA A 146 1.41 6.36 26.24
N ASN A 147 0.99 6.99 25.16
CA ASN A 147 -0.41 7.21 24.81
C ASN A 147 -1.18 8.05 25.81
N VAL A 148 -0.48 8.93 26.50
CA VAL A 148 -1.12 9.94 27.33
C VAL A 148 -1.40 11.17 26.49
N VAL A 149 -2.62 11.69 26.65
CA VAL A 149 -3.08 12.87 25.91
C VAL A 149 -2.48 14.16 26.47
N HIS A 150 -1.88 14.97 25.60
CA HIS A 150 -1.35 16.33 25.95
C HIS A 150 -2.22 17.50 25.45
N TYR A 151 -3.00 17.25 24.41
CA TYR A 151 -3.90 18.23 23.83
C TYR A 151 -5.00 17.50 23.08
N SER A 152 -6.24 17.96 23.18
CA SER A 152 -7.31 17.41 22.35
C SER A 152 -8.32 18.53 21.99
N GLU A 153 -8.90 18.48 20.80
CA GLU A 153 -9.83 19.49 20.38
C GLU A 153 -10.78 18.85 19.38
N ARG A 154 -12.05 19.13 19.53
CA ARG A 154 -13.02 18.84 18.47
C ARG A 154 -13.42 20.10 17.79
N LEU A 155 -13.49 20.08 16.47
CA LEU A 155 -13.92 21.22 15.74
C LEU A 155 -15.40 21.49 15.97
N ALA A 156 -15.74 22.75 16.21
CA ALA A 156 -17.13 23.19 16.32
C ALA A 156 -17.81 23.47 14.97
N ASN A 157 -17.02 23.56 13.90
CA ASN A 157 -17.50 23.83 12.54
C ASN A 157 -16.59 23.07 11.59
N THR A 158 -17.17 22.42 10.57
CA THR A 158 -16.43 21.55 9.68
C THR A 158 -15.46 22.25 8.78
N ARG A 159 -15.67 23.56 8.59
CA ARG A 159 -14.76 24.36 7.72
C ARG A 159 -13.55 24.86 8.47
N ASP A 160 -13.56 24.71 9.80
CA ASP A 160 -12.49 25.25 10.61
C ASP A 160 -11.24 24.40 10.50
N PHE A 161 -10.11 24.99 10.92
CA PHE A 161 -8.89 24.25 11.17
C PHE A 161 -8.65 24.07 12.67
N PHE A 162 -7.90 23.03 13.01
CA PHE A 162 -7.45 22.86 14.39
C PHE A 162 -6.60 24.04 14.86
N ASP A 163 -6.46 24.19 16.18
CA ASP A 163 -5.69 25.27 16.80
C ASP A 163 -4.22 24.84 16.87
N PHE A 164 -3.58 24.89 15.69
CA PHE A 164 -2.23 24.44 15.57
C PHE A 164 -1.31 25.31 16.41
N ASP A 165 -1.57 26.62 16.50
CA ASP A 165 -0.75 27.47 17.37
C ASP A 165 -0.73 26.97 18.83
N ALA A 166 -1.87 26.52 19.33
CA ALA A 166 -1.91 25.97 20.68
C ALA A 166 -1.08 24.68 20.85
N ILE A 167 -1.19 23.80 19.85
CA ILE A 167 -0.40 22.56 19.83
C ILE A 167 1.10 22.89 19.73
N GLU A 168 1.48 23.78 18.81
CA GLU A 168 2.88 24.26 18.71
C GLU A 168 3.44 24.73 20.07
N LYS A 169 2.65 25.50 20.81
CA LYS A 169 3.14 26.05 22.06
C LYS A 169 3.44 24.93 23.07
N LEU A 170 2.57 23.93 23.13
CA LEU A 170 2.81 22.75 23.98
C LEU A 170 4.03 21.94 23.58
N LEU A 171 4.23 21.75 22.27
CA LEU A 171 5.37 21.01 21.81
C LEU A 171 6.66 21.80 22.06
N GLN A 172 6.65 23.11 21.87
CA GLN A 172 7.84 23.94 22.12
CA GLN A 172 7.84 23.92 22.11
C GLN A 172 8.18 23.94 23.61
N GLU A 173 7.14 24.00 24.45
CA GLU A 173 7.32 24.01 25.90
CA GLU A 173 7.28 23.98 25.92
C GLU A 173 7.97 22.68 26.35
N GLY A 174 7.50 21.55 25.82
CA GLY A 174 8.11 20.25 26.08
C GLY A 174 9.57 20.18 25.63
N GLU A 175 9.83 20.60 24.39
CA GLU A 175 11.19 20.62 23.84
C GLU A 175 12.13 21.47 24.71
N GLN A 176 11.72 22.70 25.06
CA GLN A 176 12.60 23.57 25.85
C GLN A 176 12.81 23.06 27.28
N GLN A 177 11.89 22.22 27.78
CA GLN A 177 12.14 21.42 29.01
C GLN A 177 13.26 20.38 28.80
N ALA A 178 13.02 19.35 27.98
CA ALA A 178 14.09 18.42 27.61
C ALA A 178 15.29 19.22 27.05
N GLU B 4 -19.87 -23.11 7.96
CA GLU B 4 -20.53 -21.98 7.41
C GLU B 4 -21.57 -22.34 6.35
N ASP B 5 -22.40 -21.38 5.96
CA ASP B 5 -23.40 -21.61 4.95
C ASP B 5 -22.95 -21.16 3.57
N PHE B 6 -21.92 -20.34 3.50
CA PHE B 6 -21.46 -19.77 2.24
C PHE B 6 -20.02 -19.20 2.45
N TRP B 7 -19.20 -19.28 1.42
CA TRP B 7 -17.85 -18.69 1.40
C TRP B 7 -17.55 -17.87 0.15
N VAL B 8 -16.71 -16.84 0.32
CA VAL B 8 -16.25 -16.02 -0.80
C VAL B 8 -14.75 -16.09 -0.79
N GLN B 9 -14.22 -16.34 -1.97
CA GLN B 9 -12.77 -16.33 -2.20
C GLN B 9 -12.31 -14.94 -2.65
N TYR B 10 -11.41 -14.40 -1.88
CA TYR B 10 -10.77 -13.12 -2.17
C TYR B 10 -9.29 -13.35 -2.29
N GLY B 11 -8.82 -13.44 -3.52
CA GLY B 11 -7.45 -13.88 -3.79
C GLY B 11 -7.23 -15.20 -3.13
N ASP B 12 -6.22 -15.29 -2.27
CA ASP B 12 -5.90 -16.54 -1.62
C ASP B 12 -6.68 -16.76 -0.33
N GLU B 13 -7.54 -15.83 0.04
CA GLU B 13 -8.30 -15.91 1.28
C GLU B 13 -9.72 -16.47 1.00
N LEU B 15 -13.32 -16.75 2.92
CA LEU B 15 -13.99 -16.10 4.05
C LEU B 15 -15.47 -16.45 4.11
N PRO B 16 -15.96 -16.74 5.30
CA PRO B 16 -17.39 -16.94 5.54
C PRO B 16 -18.23 -15.73 5.24
N VAL B 17 -19.41 -15.97 4.68
CA VAL B 17 -20.39 -14.94 4.45
C VAL B 17 -21.60 -15.31 5.30
N ILE B 18 -22.09 -14.35 6.10
CA ILE B 18 -23.04 -14.64 7.15
C ILE B 18 -24.38 -13.96 6.91
N GLY B 19 -25.43 -14.71 7.22
CA GLY B 19 -26.80 -14.21 7.21
C GLY B 19 -27.65 -14.90 6.16
N ASP B 20 -28.91 -14.49 6.07
CA ASP B 20 -29.87 -15.20 5.23
C ASP B 20 -30.05 -14.39 3.96
N PHE B 21 -29.48 -14.91 2.90
CA PHE B 21 -29.50 -14.24 1.60
C PHE B 21 -30.86 -14.38 0.91
N PRO B 22 -31.48 -13.25 0.44
CA PRO B 22 -32.82 -13.36 -0.17
C PRO B 22 -32.83 -14.28 -1.37
N ARG B 23 -33.89 -15.09 -1.46
CA ARG B 23 -34.12 -16.04 -2.54
C ARG B 23 -35.35 -15.66 -3.39
N LYS B 24 -35.41 -16.25 -4.57
CA LYS B 24 -36.58 -16.14 -5.47
C LYS B 24 -37.88 -16.29 -4.67
N GLY B 25 -38.81 -15.37 -4.92
CA GLY B 25 -40.10 -15.36 -4.25
C GLY B 25 -40.19 -14.60 -2.93
N ASP B 26 -39.03 -14.32 -2.33
CA ASP B 26 -38.92 -13.44 -1.15
C ASP B 26 -39.21 -11.98 -1.50
N TYR B 27 -39.79 -11.25 -0.54
CA TYR B 27 -39.78 -9.79 -0.60
C TYR B 27 -38.42 -9.26 -0.11
N LEU B 28 -37.87 -8.25 -0.79
CA LEU B 28 -36.66 -7.59 -0.27
C LEU B 28 -36.81 -7.21 1.21
N PRO B 29 -35.77 -7.51 2.02
CA PRO B 29 -35.84 -6.96 3.39
C PRO B 29 -35.71 -5.44 3.35
N SER B 30 -36.34 -4.81 4.32
CA SER B 30 -36.29 -3.36 4.45
C SER B 30 -34.83 -2.97 4.69
N PHE B 31 -34.46 -1.78 4.27
CA PHE B 31 -33.18 -1.22 4.66
C PHE B 31 -33.28 0.28 4.91
N LEU B 33 -30.49 3.08 4.44
CA LEU B 33 -29.10 3.39 3.98
C LEU B 33 -29.01 4.87 3.72
N VAL B 34 -27.86 5.30 3.24
CA VAL B 34 -27.60 6.72 3.00
C VAL B 34 -27.01 6.85 1.61
N ASP B 35 -27.53 7.76 0.79
CA ASP B 35 -27.06 7.86 -0.58
C ASP B 35 -25.85 8.77 -0.66
N ASP B 36 -25.30 8.87 -1.86
CA ASP B 36 -24.05 9.62 -2.04
C ASP B 36 -24.16 11.09 -1.81
N GLN B 37 -25.39 11.62 -1.72
CA GLN B 37 -25.61 13.00 -1.29
C GLN B 37 -26.04 13.14 0.17
N LYS B 38 -25.85 12.09 0.97
CA LYS B 38 -26.04 12.11 2.42
C LYS B 38 -27.54 12.08 2.84
N HIS B 39 -28.41 11.72 1.90
CA HIS B 39 -29.84 11.60 2.15
C HIS B 39 -30.23 10.19 2.55
N ASP B 40 -31.18 10.07 3.47
CA ASP B 40 -31.69 8.77 3.81
C ASP B 40 -32.27 8.06 2.55
N ALA B 41 -32.04 6.77 2.43
CA ALA B 41 -32.55 5.94 1.32
C ALA B 41 -33.14 4.65 1.90
N ALA B 42 -34.42 4.43 1.68
CA ALA B 42 -35.14 3.25 2.12
C ALA B 42 -35.68 2.56 0.86
N LEU B 43 -36.20 1.34 0.98
CA LEU B 43 -36.79 0.68 -0.20
C LEU B 43 -37.83 1.51 -0.90
N GLU B 44 -38.64 2.19 -0.12
CA GLU B 44 -39.71 3.03 -0.65
C GLU B 44 -39.20 4.26 -1.35
N SER B 45 -37.91 4.55 -1.22
CA SER B 45 -37.27 5.55 -2.09
C SER B 45 -37.22 5.14 -3.54
N PHE B 46 -37.42 3.87 -3.86
CA PHE B 46 -37.29 3.39 -5.24
C PHE B 46 -38.64 2.84 -5.64
N SER B 47 -39.60 3.75 -5.67
CA SER B 47 -40.97 3.34 -5.92
C SER B 47 -41.24 3.21 -7.41
N HIS B 48 -42.18 2.30 -7.67
CA HIS B 48 -42.76 2.05 -8.97
C HIS B 48 -41.73 1.63 -9.95
N THR B 49 -40.78 0.85 -9.50
CA THR B 49 -39.73 0.43 -10.43
C THR B 49 -39.16 -0.92 -10.09
N PRO B 50 -38.94 -1.76 -11.12
CA PRO B 50 -38.08 -2.94 -10.89
C PRO B 50 -36.66 -2.49 -10.67
N LYS B 51 -35.90 -3.33 -10.04
CA LYS B 51 -34.56 -2.97 -9.68
C LYS B 51 -33.56 -4.13 -9.65
N LEU B 52 -32.30 -3.78 -9.91
CA LEU B 52 -31.21 -4.71 -9.81
C LEU B 52 -30.33 -4.16 -8.71
N ILE B 53 -30.31 -4.86 -7.58
CA ILE B 53 -29.52 -4.45 -6.40
C ILE B 53 -28.19 -5.21 -6.49
N VAL B 54 -27.09 -4.48 -6.39
CA VAL B 54 -25.79 -5.06 -6.34
CA VAL B 54 -25.80 -5.13 -6.29
C VAL B 54 -25.01 -4.59 -5.14
N THR B 55 -24.45 -5.53 -4.38
CA THR B 55 -23.48 -5.25 -3.36
C THR B 55 -22.10 -5.48 -4.01
N LEU B 56 -21.20 -4.50 -3.84
CA LEU B 56 -19.81 -4.60 -4.26
C LEU B 56 -18.94 -4.46 -3.01
N LEU B 57 -17.68 -4.87 -3.12
CA LEU B 57 -16.75 -4.59 -2.03
C LEU B 57 -16.58 -3.07 -1.88
N SER B 58 -16.29 -2.40 -3.00
CA SER B 58 -16.10 -0.97 -3.00
C SER B 58 -16.07 -0.46 -4.43
N VAL B 59 -16.58 0.73 -4.62
CA VAL B 59 -16.41 1.40 -5.91
C VAL B 59 -14.95 1.73 -6.18
N ASP B 60 -14.09 1.68 -5.15
CA ASP B 60 -12.64 1.93 -5.31
C ASP B 60 -11.78 0.67 -5.42
N GLU B 61 -12.42 -0.49 -5.52
CA GLU B 61 -11.77 -1.68 -5.98
C GLU B 61 -11.88 -1.70 -7.52
N ASP B 62 -11.00 -2.48 -8.15
CA ASP B 62 -10.95 -2.57 -9.62
C ASP B 62 -11.50 -3.97 -9.98
N GLU B 63 -10.63 -4.96 -9.91
CA GLU B 63 -10.95 -6.30 -10.32
C GLU B 63 -11.68 -7.07 -9.23
N HIS B 64 -11.49 -6.69 -7.96
CA HIS B 64 -12.14 -7.39 -6.84
C HIS B 64 -13.49 -6.74 -6.53
N ALA B 65 -14.55 -7.28 -7.14
CA ALA B 65 -15.92 -6.84 -6.97
C ALA B 65 -16.02 -5.34 -6.70
N GLY B 66 -15.67 -4.62 -7.74
CA GLY B 66 -15.56 -3.21 -7.72
C GLY B 66 -15.99 -2.58 -9.04
N LEU B 67 -15.19 -1.64 -9.54
CA LEU B 67 -15.63 -0.82 -10.65
C LEU B 67 -15.81 -1.64 -11.93
N LEU B 68 -14.98 -2.66 -12.14
CA LEU B 68 -15.08 -3.43 -13.36
CA LEU B 68 -15.06 -3.48 -13.35
C LEU B 68 -16.39 -4.21 -13.41
N LEU B 69 -16.78 -4.82 -12.26
CA LEU B 69 -18.02 -5.53 -12.16
C LEU B 69 -19.22 -4.55 -12.27
N LEU B 70 -19.10 -3.36 -11.66
CA LEU B 70 -20.14 -2.35 -11.76
CA LEU B 70 -20.11 -2.31 -11.76
C LEU B 70 -20.36 -1.98 -13.22
N ARG B 71 -19.28 -1.78 -13.95
CA ARG B 71 -19.43 -1.37 -15.36
C ARG B 71 -20.02 -2.46 -16.26
N GLU B 72 -19.66 -3.70 -15.98
CA GLU B 72 -20.26 -4.80 -16.72
C GLU B 72 -21.77 -4.92 -16.43
N THR B 73 -22.12 -4.71 -15.16
CA THR B 73 -23.52 -4.72 -14.77
C THR B 73 -24.31 -3.62 -15.46
N ARG B 74 -23.76 -2.40 -15.47
CA ARG B 74 -24.46 -1.30 -16.15
C ARG B 74 -24.58 -1.56 -17.68
N ARG B 75 -23.54 -2.12 -18.28
CA ARG B 75 -23.57 -2.49 -19.69
C ARG B 75 -24.70 -3.49 -19.96
N PHE B 76 -24.81 -4.49 -19.13
CA PHE B 76 -25.85 -5.49 -19.25
C PHE B 76 -27.25 -4.84 -19.18
N LEU B 77 -27.39 -3.87 -18.29
CA LEU B 77 -28.68 -3.19 -18.07
C LEU B 77 -29.10 -2.28 -19.17
N ASP B 78 -28.17 -1.94 -20.07
CA ASP B 78 -28.50 -1.07 -21.21
C ASP B 78 -29.62 -1.65 -22.05
N SER B 79 -29.75 -2.96 -22.12
CA SER B 79 -30.90 -3.61 -22.79
C SER B 79 -32.23 -3.66 -22.02
N TRP B 80 -32.27 -3.18 -20.80
CA TRP B 80 -33.40 -3.37 -19.89
C TRP B 80 -33.73 -2.02 -19.25
N PRO B 81 -34.34 -1.13 -20.05
CA PRO B 81 -34.48 0.28 -19.67
C PRO B 81 -35.33 0.53 -18.42
N HIS B 82 -36.16 -0.43 -18.00
CA HIS B 82 -36.93 -0.25 -16.74
C HIS B 82 -36.24 -0.67 -15.45
N LEU B 83 -35.06 -1.29 -15.53
CA LEU B 83 -34.38 -1.84 -14.34
C LEU B 83 -33.42 -0.81 -13.73
N LYS B 84 -33.76 -0.33 -12.54
CA LYS B 84 -32.97 0.63 -11.86
C LYS B 84 -31.81 -0.10 -11.17
N LEU B 85 -30.59 0.36 -11.43
CA LEU B 85 -29.41 -0.17 -10.80
C LEU B 85 -29.12 0.54 -9.49
N ILE B 86 -29.10 -0.25 -8.43
CA ILE B 86 -28.88 0.24 -7.08
C ILE B 86 -27.63 -0.46 -6.55
N VAL B 87 -26.57 0.30 -6.34
CA VAL B 87 -25.32 -0.21 -5.80
C VAL B 87 -25.13 0.11 -4.33
N ILE B 88 -24.83 -0.91 -3.53
CA ILE B 88 -24.69 -0.77 -2.10
C ILE B 88 -23.30 -1.21 -1.69
N THR B 89 -22.58 -0.39 -0.93
CA THR B 89 -21.23 -0.73 -0.44
C THR B 89 -21.04 -0.11 0.96
N VAL B 90 -19.92 -0.47 1.61
CA VAL B 90 -19.51 0.14 2.86
C VAL B 90 -18.78 1.47 2.68
N ASP B 91 -18.56 1.89 1.43
CA ASP B 91 -17.93 3.15 1.17
C ASP B 91 -18.70 4.28 1.79
N SER B 92 -18.01 5.37 2.12
CA SER B 92 -18.68 6.57 2.62
C SER B 92 -19.52 7.25 1.53
N PRO B 93 -20.57 8.00 1.91
CA PRO B 93 -21.24 8.85 0.91
C PRO B 93 -20.31 9.76 0.18
N SER B 94 -19.33 10.30 0.90
CA SER B 94 -18.37 11.21 0.36
C SER B 94 -17.56 10.50 -0.77
N SER B 95 -17.10 9.29 -0.51
CA SER B 95 -16.34 8.52 -1.53
C SER B 95 -17.22 8.12 -2.72
N LEU B 96 -18.45 7.75 -2.43
CA LEU B 96 -19.43 7.43 -3.48
C LEU B 96 -19.69 8.62 -4.39
N ALA B 97 -19.86 9.81 -3.81
CA ALA B 97 -20.08 11.03 -4.58
C ALA B 97 -18.86 11.33 -5.49
N ARG B 98 -17.65 11.14 -4.95
CA ARG B 98 -16.46 11.37 -5.73
C ARG B 98 -16.34 10.38 -6.88
N ALA B 99 -16.62 9.12 -6.61
CA ALA B 99 -16.57 8.04 -7.60
C ALA B 99 -17.51 8.34 -8.73
N ARG B 100 -18.71 8.81 -8.37
CA ARG B 100 -19.72 9.09 -9.37
C ARG B 100 -19.17 10.07 -10.40
N HIS B 101 -18.57 11.14 -9.94
CA HIS B 101 -17.93 12.13 -10.80
C HIS B 101 -16.67 11.61 -11.50
N GLU B 102 -15.79 10.98 -10.74
CA GLU B 102 -14.51 10.51 -11.27
C GLU B 102 -14.72 9.44 -12.36
N HIS B 103 -15.68 8.55 -12.16
CA HIS B 103 -15.83 7.39 -13.03
C HIS B 103 -17.00 7.41 -13.97
N GLY B 104 -17.73 8.53 -14.01
CA GLY B 104 -18.86 8.69 -14.89
C GLY B 104 -19.95 7.69 -14.67
N LEU B 105 -20.67 7.83 -13.57
CA LEU B 105 -21.77 6.94 -13.17
C LEU B 105 -23.07 7.76 -12.92
N PRO B 106 -23.59 8.46 -13.95
CA PRO B 106 -24.64 9.49 -13.75
C PRO B 106 -26.00 8.99 -13.21
N ASN B 107 -26.40 7.78 -13.55
CA ASN B 107 -27.75 7.35 -13.15
C ASN B 107 -27.88 6.36 -12.01
N ILE B 108 -26.82 5.70 -11.62
CA ILE B 108 -26.90 4.63 -10.64
CA ILE B 108 -27.06 4.63 -10.67
C ILE B 108 -27.30 5.23 -9.30
N ALA B 109 -28.07 4.49 -8.51
CA ALA B 109 -28.23 4.83 -7.12
C ALA B 109 -26.99 4.27 -6.41
N LEU B 110 -26.30 5.08 -5.60
CA LEU B 110 -25.11 4.65 -4.85
C LEU B 110 -25.41 4.82 -3.40
N LEU B 111 -25.47 3.72 -2.66
CA LEU B 111 -25.89 3.75 -1.27
C LEU B 111 -24.78 3.21 -0.38
N SER B 112 -24.51 3.90 0.69
CA SER B 112 -23.57 3.54 1.69
C SER B 112 -24.27 2.83 2.88
N THR B 113 -23.62 1.82 3.46
CA THR B 113 -24.14 1.18 4.68
C THR B 113 -23.61 1.81 5.98
N LEU B 114 -23.02 3.00 5.93
CA LEU B 114 -22.30 3.46 7.15
C LEU B 114 -23.09 3.55 8.47
N ARG B 115 -24.39 3.77 8.43
CA ARG B 115 -25.18 4.01 9.64
C ARG B 115 -25.26 2.82 10.56
N ARG B 117 -23.73 -2.72 10.52
CA ARG B 117 -23.76 -3.92 9.64
C ARG B 117 -25.14 -4.57 9.66
N ASP B 118 -26.18 -3.80 10.05
CA ASP B 118 -27.54 -4.36 10.19
CA ASP B 118 -27.52 -4.39 10.18
C ASP B 118 -28.02 -4.84 8.81
N PHE B 119 -27.82 -4.00 7.82
CA PHE B 119 -28.06 -4.35 6.44
C PHE B 119 -27.33 -5.65 6.06
N HIS B 120 -26.04 -5.71 6.35
CA HIS B 120 -25.18 -6.81 5.86
C HIS B 120 -25.78 -8.17 6.23
N LYS B 121 -26.16 -8.34 7.48
CA LYS B 121 -26.68 -9.60 7.97
CA LYS B 121 -26.71 -9.59 8.00
C LYS B 121 -28.10 -9.88 7.46
N ARG B 122 -28.91 -8.84 7.37
CA ARG B 122 -30.29 -9.01 6.90
C ARG B 122 -30.32 -9.38 5.46
N TYR B 123 -29.28 -9.03 4.69
CA TYR B 123 -29.17 -9.38 3.26
C TYR B 123 -28.22 -10.55 3.00
N GLY B 124 -27.67 -11.14 4.06
CA GLY B 124 -26.79 -12.29 3.95
C GLY B 124 -25.52 -12.00 3.16
N VAL B 125 -24.94 -10.82 3.39
CA VAL B 125 -23.70 -10.44 2.71
C VAL B 125 -22.63 -10.01 3.68
N LEU B 126 -22.78 -10.38 4.93
CA LEU B 126 -21.81 -9.98 5.92
C LEU B 126 -20.57 -10.84 6.00
N ILE B 127 -19.43 -10.18 5.97
CA ILE B 127 -18.12 -10.82 6.19
C ILE B 127 -17.58 -10.25 7.53
N THR B 128 -17.11 -11.12 8.43
CA THR B 128 -16.47 -10.65 9.66
C THR B 128 -14.97 -10.96 9.77
N GLU B 129 -14.41 -11.69 8.81
CA GLU B 129 -13.07 -12.19 8.96
C GLU B 129 -12.09 -11.34 8.14
N TYR B 130 -10.90 -11.17 8.71
CA TYR B 130 -9.78 -10.56 8.04
C TYR B 130 -9.57 -11.25 6.69
N PRO B 131 -9.29 -10.50 5.60
CA PRO B 131 -9.07 -9.04 5.54
C PRO B 131 -10.29 -8.24 5.07
N LEU B 132 -11.46 -8.86 5.04
CA LEU B 132 -12.67 -8.19 4.51
C LEU B 132 -13.73 -7.97 5.57
N SER B 133 -13.28 -7.96 6.82
CA SER B 133 -14.14 -7.73 7.96
C SER B 133 -14.94 -6.42 7.78
N GLY B 134 -16.26 -6.54 7.83
CA GLY B 134 -17.14 -5.36 7.66
C GLY B 134 -17.56 -5.02 6.25
N TYR B 135 -16.96 -5.62 5.21
CA TYR B 135 -17.40 -5.40 3.85
C TYR B 135 -18.68 -6.11 3.53
N THR B 136 -19.40 -5.62 2.52
CA THR B 136 -20.56 -6.38 1.99
C THR B 136 -20.00 -7.36 0.97
N SER B 137 -20.30 -8.66 1.13
CA SER B 137 -19.87 -9.65 0.12
C SER B 137 -20.63 -9.37 -1.18
N PRO B 138 -19.96 -9.52 -2.32
CA PRO B 138 -20.60 -9.16 -3.57
C PRO B 138 -21.78 -10.06 -3.98
N ALA B 139 -22.84 -9.42 -4.48
CA ALA B 139 -24.09 -10.11 -4.80
C ALA B 139 -24.97 -9.28 -5.72
N ILE B 140 -25.91 -9.97 -6.34
CA ILE B 140 -26.85 -9.37 -7.22
C ILE B 140 -28.22 -9.92 -6.90
N ILE B 141 -29.22 -9.04 -6.84
CA ILE B 141 -30.60 -9.36 -6.64
C ILE B 141 -31.45 -8.59 -7.67
N LEU B 142 -32.20 -9.34 -8.47
CA LEU B 142 -33.21 -8.81 -9.36
C LEU B 142 -34.57 -8.86 -8.64
N ALA B 143 -35.23 -7.71 -8.56
CA ALA B 143 -36.53 -7.62 -7.89
C ALA B 143 -37.48 -6.79 -8.78
N ASP B 144 -38.77 -7.11 -8.70
CA ASP B 144 -39.78 -6.36 -9.48
C ASP B 144 -40.24 -5.13 -8.73
N ALA B 145 -41.19 -4.38 -9.28
CA ALA B 145 -41.68 -3.20 -8.61
C ALA B 145 -42.42 -3.52 -7.31
N ALA B 146 -42.87 -4.75 -7.11
CA ALA B 146 -43.44 -5.17 -5.81
C ALA B 146 -42.37 -5.53 -4.75
N ASN B 147 -41.12 -5.33 -5.12
CA ASN B 147 -39.93 -5.77 -4.38
C ASN B 147 -39.87 -7.27 -4.14
N VAL B 148 -40.37 -8.05 -5.09
CA VAL B 148 -40.29 -9.49 -5.01
C VAL B 148 -39.08 -9.93 -5.81
N VAL B 149 -38.31 -10.79 -5.20
CA VAL B 149 -37.07 -11.31 -5.80
C VAL B 149 -37.39 -12.32 -6.92
N HIS B 150 -36.82 -12.09 -8.09
CA HIS B 150 -36.88 -13.04 -9.20
C HIS B 150 -35.60 -13.82 -9.44
N TYR B 151 -34.47 -13.32 -8.95
CA TYR B 151 -33.17 -13.95 -9.14
C TYR B 151 -32.25 -13.36 -8.12
N SER B 152 -31.43 -14.21 -7.52
CA SER B 152 -30.39 -13.71 -6.57
C SER B 152 -29.14 -14.61 -6.68
N GLU B 153 -27.95 -13.99 -6.59
CA GLU B 153 -26.66 -14.70 -6.66
C GLU B 153 -25.59 -13.99 -5.83
N ARG B 154 -24.93 -14.74 -4.96
CA ARG B 154 -23.71 -14.28 -4.23
C ARG B 154 -22.52 -14.81 -5.02
N LEU B 155 -21.55 -13.97 -5.34
CA LEU B 155 -20.30 -14.44 -5.95
C LEU B 155 -19.54 -15.33 -4.97
N ALA B 156 -19.07 -16.47 -5.46
CA ALA B 156 -18.17 -17.34 -4.73
C ALA B 156 -16.69 -16.89 -4.77
N ASN B 157 -16.35 -16.06 -5.74
CA ASN B 157 -15.00 -15.52 -5.88
C ASN B 157 -15.14 -14.08 -6.27
N THR B 158 -14.36 -13.18 -5.65
CA THR B 158 -14.46 -11.72 -5.87
C THR B 158 -14.09 -11.25 -7.26
N ARG B 159 -13.37 -12.07 -8.04
CA ARG B 159 -13.05 -11.71 -9.40
C ARG B 159 -14.02 -12.25 -10.43
N ASP B 160 -15.04 -12.97 -10.03
CA ASP B 160 -16.03 -13.47 -10.97
C ASP B 160 -17.04 -12.39 -11.36
N PHE B 161 -17.71 -12.62 -12.48
CA PHE B 161 -18.88 -11.81 -12.85
C PHE B 161 -20.13 -12.61 -12.45
N PHE B 162 -21.24 -11.89 -12.17
CA PHE B 162 -22.57 -12.49 -12.00
C PHE B 162 -23.00 -13.27 -13.24
N ASP B 163 -23.95 -14.16 -13.09
CA ASP B 163 -24.41 -14.99 -14.20
C ASP B 163 -25.46 -14.19 -15.00
N PHE B 164 -24.96 -13.27 -15.81
CA PHE B 164 -25.83 -12.38 -16.55
C PHE B 164 -26.72 -13.17 -17.54
N ASP B 165 -26.16 -14.23 -18.11
CA ASP B 165 -26.90 -15.06 -19.01
C ASP B 165 -28.17 -15.61 -18.37
N ALA B 166 -28.05 -16.06 -17.12
CA ALA B 166 -29.19 -16.56 -16.38
C ALA B 166 -30.21 -15.45 -16.11
N ILE B 167 -29.72 -14.23 -15.85
CA ILE B 167 -30.63 -13.11 -15.60
C ILE B 167 -31.35 -12.73 -16.88
N GLU B 168 -30.61 -12.67 -17.97
CA GLU B 168 -31.18 -12.30 -19.29
C GLU B 168 -32.29 -13.27 -19.69
N LYS B 169 -32.08 -14.54 -19.42
CA LYS B 169 -33.05 -15.56 -19.79
C LYS B 169 -34.34 -15.34 -19.04
N LEU B 170 -34.25 -15.05 -17.75
CA LEU B 170 -35.47 -14.77 -16.96
C LEU B 170 -36.15 -13.50 -17.43
N LEU B 171 -35.40 -12.46 -17.77
CA LEU B 171 -36.00 -11.24 -18.24
C LEU B 171 -36.65 -11.43 -19.59
N GLN B 172 -36.05 -12.25 -20.45
CA GLN B 172 -36.60 -12.53 -21.77
C GLN B 172 -37.85 -13.39 -21.67
N GLU B 173 -37.81 -14.40 -20.80
CA GLU B 173 -38.98 -15.26 -20.53
C GLU B 173 -40.15 -14.44 -19.98
N GLY B 174 -39.86 -13.46 -19.14
CA GLY B 174 -40.81 -12.40 -18.75
C GLY B 174 -41.43 -11.61 -19.90
N GLU B 175 -40.60 -11.00 -20.75
CA GLU B 175 -41.11 -10.20 -21.87
CA GLU B 175 -41.07 -10.24 -21.92
C GLU B 175 -41.90 -11.07 -22.90
N GLN B 176 -41.86 -12.41 -22.75
CA GLN B 176 -42.60 -13.35 -23.61
C GLN B 176 -43.48 -14.28 -22.79
N GLU C 4 42.13 5.12 -5.36
CA GLU C 4 40.82 5.58 -5.04
C GLU C 4 40.81 6.80 -4.10
N ASP C 5 39.64 7.38 -3.85
CA ASP C 5 39.50 8.50 -2.92
C ASP C 5 38.95 8.11 -1.55
N PHE C 6 38.37 6.93 -1.45
CA PHE C 6 37.73 6.49 -0.19
C PHE C 6 37.56 4.99 -0.37
N TRP C 7 37.72 4.29 0.74
CA TRP C 7 37.55 2.89 0.79
C TRP C 7 36.64 2.56 1.97
N VAL C 8 35.85 1.51 1.80
CA VAL C 8 35.04 0.98 2.82
C VAL C 8 35.33 -0.50 3.10
N GLN C 9 35.47 -0.84 4.39
CA GLN C 9 35.79 -2.19 4.82
C GLN C 9 34.50 -2.92 5.23
N TYR C 10 34.25 -4.02 4.56
CA TYR C 10 33.10 -4.87 4.77
C TYR C 10 33.61 -6.26 5.13
N GLY C 11 33.68 -6.53 6.43
CA GLY C 11 34.37 -7.72 6.90
C GLY C 11 35.79 -7.71 6.40
N ASP C 12 36.19 -8.78 5.72
CA ASP C 12 37.55 -8.87 5.24
C ASP C 12 37.76 -8.20 3.90
N GLU C 13 36.72 -7.60 3.33
CA GLU C 13 36.80 -7.01 1.99
C GLU C 13 36.98 -5.48 2.13
N LEU C 15 36.78 -2.07 -0.29
CA LEU C 15 36.14 -1.70 -1.56
C LEU C 15 36.22 -0.19 -1.86
N PRO C 16 36.55 0.19 -3.12
CA PRO C 16 36.45 1.61 -3.47
C PRO C 16 35.02 2.14 -3.27
N VAL C 17 34.93 3.39 -2.83
CA VAL C 17 33.71 4.15 -2.85
C VAL C 17 33.89 5.31 -3.79
N ILE C 18 32.94 5.50 -4.70
CA ILE C 18 33.19 6.36 -5.86
C ILE C 18 32.24 7.54 -5.92
N GLY C 19 32.77 8.70 -6.31
CA GLY C 19 31.98 9.90 -6.52
C GLY C 19 32.34 10.99 -5.52
N ASP C 20 31.63 12.11 -5.58
CA ASP C 20 31.95 13.27 -4.72
C ASP C 20 30.95 13.35 -3.55
N PHE C 21 31.43 13.08 -2.36
CA PHE C 21 30.56 13.03 -1.16
C PHE C 21 30.33 14.47 -0.74
N PRO C 22 29.07 14.87 -0.52
CA PRO C 22 28.85 16.25 -0.06
C PRO C 22 29.60 16.57 1.22
N ARG C 23 30.09 17.81 1.27
CA ARG C 23 30.84 18.39 2.38
C ARG C 23 30.08 19.58 3.03
N LYS C 24 30.53 19.95 4.22
CA LYS C 24 30.00 21.14 4.93
C LYS C 24 29.97 22.34 3.98
N GLY C 25 28.85 23.07 3.99
CA GLY C 25 28.69 24.23 3.14
C GLY C 25 28.08 24.00 1.77
N ASP C 26 28.17 22.77 1.28
CA ASP C 26 27.51 22.36 0.04
C ASP C 26 25.97 22.33 0.20
N TYR C 27 25.27 22.62 -0.90
CA TYR C 27 23.86 22.26 -1.00
C TYR C 27 23.75 20.76 -1.36
N LEU C 28 22.78 20.10 -0.77
CA LEU C 28 22.49 18.70 -1.16
C LEU C 28 22.25 18.61 -2.65
N PRO C 29 22.88 17.64 -3.32
CA PRO C 29 22.48 17.35 -4.69
C PRO C 29 21.01 16.91 -4.79
N SER C 30 20.36 17.28 -5.89
CA SER C 30 18.98 16.87 -6.15
C SER C 30 18.94 15.35 -6.23
N PHE C 31 17.82 14.74 -5.89
CA PHE C 31 17.65 13.33 -6.19
C PHE C 31 16.21 13.04 -6.60
N LEU C 33 14.04 9.77 -6.09
CA LEU C 33 14.00 8.42 -5.46
C LEU C 33 12.56 7.99 -5.34
N VAL C 34 12.30 6.81 -4.77
CA VAL C 34 10.97 6.28 -4.68
C VAL C 34 10.77 5.83 -3.23
N ASP C 35 9.71 6.26 -2.57
CA ASP C 35 9.52 5.89 -1.17
C ASP C 35 8.89 4.52 -1.06
N ASP C 36 8.73 4.08 0.18
CA ASP C 36 8.27 2.73 0.43
C ASP C 36 6.83 2.46 0.05
N GLN C 37 6.06 3.51 -0.25
CA GLN C 37 4.72 3.36 -0.82
C GLN C 37 4.70 3.60 -2.32
N LYS C 38 5.87 3.55 -2.94
CA LYS C 38 6.01 3.59 -4.41
C LYS C 38 5.78 4.98 -5.02
N HIS C 39 5.80 6.00 -4.16
CA HIS C 39 5.66 7.37 -4.59
C HIS C 39 6.99 8.04 -4.89
N ASP C 40 7.00 8.89 -5.90
CA ASP C 40 8.20 9.68 -6.19
C ASP C 40 8.62 10.54 -4.98
N ALA C 41 9.91 10.64 -4.72
CA ALA C 41 10.47 11.48 -3.63
C ALA C 41 11.69 12.27 -4.14
N ALA C 42 11.60 13.58 -4.02
CA ALA C 42 12.64 14.50 -4.42
C ALA C 42 12.99 15.29 -3.17
N LEU C 43 14.06 16.07 -3.23
CA LEU C 43 14.41 16.92 -2.08
C LEU C 43 13.31 17.81 -1.65
N GLU C 44 12.60 18.37 -2.62
CA GLU C 44 11.48 19.26 -2.33
C GLU C 44 10.31 18.55 -1.67
N SER C 45 10.32 17.24 -1.66
CA SER C 45 9.38 16.47 -0.82
C SER C 45 9.60 16.67 0.67
N PHE C 46 10.74 17.18 1.08
CA PHE C 46 11.02 17.30 2.53
C PHE C 46 11.21 18.77 2.83
N SER C 47 10.11 19.49 2.65
CA SER C 47 10.19 20.94 2.74
C SER C 47 10.06 21.41 4.18
N HIS C 48 10.69 22.55 4.42
CA HIS C 48 10.63 23.30 5.66
C HIS C 48 11.10 22.46 6.79
N THR C 49 12.14 21.67 6.55
CA THR C 49 12.66 20.87 7.64
C THR C 49 14.14 20.61 7.53
N PRO C 50 14.85 20.71 8.66
CA PRO C 50 16.19 20.11 8.66
C PRO C 50 16.11 18.61 8.61
N LYS C 51 17.19 17.99 8.19
CA LYS C 51 17.14 16.56 8.00
C LYS C 51 18.48 15.88 8.21
N LEU C 52 18.38 14.62 8.59
CA LEU C 52 19.53 13.77 8.71
C LEU C 52 19.31 12.66 7.72
N ILE C 53 20.15 12.65 6.70
CA ILE C 53 20.08 11.66 5.66
C ILE C 53 21.10 10.59 5.94
N VAL C 54 20.65 9.32 5.90
CA VAL C 54 21.55 8.21 6.10
CA VAL C 54 21.53 8.22 6.11
C VAL C 54 21.40 7.25 4.96
N THR C 55 22.52 6.88 4.36
CA THR C 55 22.59 5.76 3.45
C THR C 55 23.02 4.53 4.29
N LEU C 56 22.37 3.42 4.02
CA LEU C 56 22.70 2.14 4.68
C LEU C 56 22.86 1.10 3.61
N LEU C 57 23.49 -0.02 3.95
CA LEU C 57 23.58 -1.08 2.94
C LEU C 57 22.17 -1.60 2.63
N SER C 58 21.44 -1.92 3.68
CA SER C 58 20.09 -2.45 3.54
C SER C 58 19.44 -2.42 4.90
N VAL C 59 18.14 -2.18 4.91
CA VAL C 59 17.37 -2.36 6.14
C VAL C 59 17.31 -3.84 6.60
N ASP C 60 17.68 -4.78 5.72
CA ASP C 60 17.72 -6.21 6.00
C ASP C 60 19.11 -6.74 6.36
N GLU C 61 20.12 -5.83 6.42
CA GLU C 61 21.37 -6.11 7.13
C GLU C 61 21.15 -5.84 8.64
N ASP C 62 21.99 -6.46 9.46
CA ASP C 62 21.91 -6.33 10.94
C ASP C 62 23.09 -5.45 11.41
N GLU C 63 24.26 -6.06 11.57
CA GLU C 63 25.46 -5.34 12.01
C GLU C 63 26.17 -4.57 10.91
N HIS C 64 26.02 -5.04 9.68
CA HIS C 64 26.67 -4.39 8.52
C HIS C 64 25.82 -3.24 7.97
N ALA C 65 25.95 -2.08 8.62
CA ALA C 65 25.26 -0.87 8.24
C ALA C 65 23.84 -1.14 7.84
N GLY C 66 23.06 -1.54 8.83
CA GLY C 66 21.76 -1.97 8.59
C GLY C 66 20.88 -1.50 9.74
N LEU C 67 20.08 -2.43 10.23
CA LEU C 67 19.01 -2.08 11.20
C LEU C 67 19.57 -1.64 12.56
N LEU C 68 20.70 -2.19 12.99
CA LEU C 68 21.32 -1.76 14.24
CA LEU C 68 21.36 -1.78 14.23
C LEU C 68 21.81 -0.30 14.14
N LEU C 69 22.44 0.07 13.00
CA LEU C 69 22.91 1.44 12.80
C LEU C 69 21.68 2.38 12.67
N LEU C 70 20.63 1.92 11.98
CA LEU C 70 19.41 2.70 11.84
CA LEU C 70 19.39 2.69 11.86
C LEU C 70 18.78 2.97 13.23
N ARG C 71 18.72 1.97 14.07
CA ARG C 71 18.09 2.17 15.40
C ARG C 71 18.92 3.10 16.27
N GLU C 72 20.25 3.01 16.18
CA GLU C 72 21.09 3.92 16.93
C GLU C 72 20.90 5.37 16.45
N THR C 73 20.81 5.55 15.12
CA THR C 73 20.60 6.87 14.57
C THR C 73 19.26 7.44 15.06
N ARG C 74 18.21 6.62 15.02
CA ARG C 74 16.88 7.10 15.48
C ARG C 74 16.90 7.45 16.98
N ARG C 75 17.60 6.65 17.79
CA ARG C 75 17.73 6.94 19.20
C ARG C 75 18.46 8.29 19.42
N PHE C 76 19.55 8.50 18.70
CA PHE C 76 20.24 9.77 18.76
C PHE C 76 19.31 10.95 18.46
N LEU C 77 18.45 10.76 17.47
CA LEU C 77 17.56 11.84 16.97
C LEU C 77 16.42 12.17 17.91
N ASP C 78 16.18 11.29 18.88
CA ASP C 78 15.11 11.52 19.86
C ASP C 78 15.31 12.80 20.63
N SER C 79 16.55 13.24 20.82
CA SER C 79 16.83 14.56 21.42
C SER C 79 16.70 15.78 20.48
N TRP C 80 16.41 15.56 19.21
CA TRP C 80 16.45 16.59 18.21
C TRP C 80 15.11 16.54 17.41
N PRO C 81 14.04 17.04 18.02
CA PRO C 81 12.69 16.83 17.47
C PRO C 81 12.44 17.43 16.08
N HIS C 82 13.25 18.40 15.65
CA HIS C 82 13.07 18.99 14.32
C HIS C 82 13.79 18.28 13.19
N LEU C 83 14.64 17.30 13.48
CA LEU C 83 15.47 16.66 12.44
C LEU C 83 14.77 15.44 11.85
N LYS C 84 14.41 15.50 10.58
CA LYS C 84 13.71 14.42 9.94
C LYS C 84 14.75 13.38 9.50
N LEU C 85 14.54 12.12 9.88
CA LEU C 85 15.40 11.03 9.46
C LEU C 85 14.96 10.48 8.11
N ILE C 86 15.88 10.53 7.13
CA ILE C 86 15.64 10.06 5.79
C ILE C 86 16.66 8.96 5.50
N VAL C 87 16.17 7.75 5.33
CA VAL C 87 17.01 6.58 5.04
C VAL C 87 16.95 6.22 3.55
N ILE C 88 18.11 6.04 2.93
CA ILE C 88 18.19 5.72 1.55
C ILE C 88 18.98 4.45 1.35
N THR C 89 18.45 3.52 0.59
CA THR C 89 19.14 2.26 0.30
C THR C 89 18.71 1.73 -1.04
N VAL C 90 19.35 0.64 -1.47
CA VAL C 90 19.00 -0.04 -2.71
C VAL C 90 17.86 -1.06 -2.52
N ASP C 91 17.35 -1.21 -1.29
CA ASP C 91 16.19 -2.07 -1.10
C ASP C 91 15.06 -1.59 -1.98
N SER C 92 14.24 -2.54 -2.43
CA SER C 92 13.03 -2.21 -3.17
C SER C 92 12.02 -1.45 -2.28
N PRO C 93 11.15 -0.64 -2.92
CA PRO C 93 10.10 -0.04 -2.14
C PRO C 93 9.31 -1.10 -1.35
N SER C 94 9.05 -2.28 -1.95
CA SER C 94 8.30 -3.36 -1.29
C SER C 94 9.00 -3.87 -0.02
N SER C 95 10.29 -4.08 -0.09
CA SER C 95 11.04 -4.54 1.12
C SER C 95 11.07 -3.47 2.19
N LEU C 96 11.25 -2.21 1.77
CA LEU C 96 11.22 -1.10 2.72
C LEU C 96 9.89 -1.01 3.44
N ALA C 97 8.78 -1.19 2.73
CA ALA C 97 7.45 -1.20 3.36
C ALA C 97 7.29 -2.37 4.37
N ARG C 98 7.80 -3.53 4.03
CA ARG C 98 7.70 -4.67 4.93
C ARG C 98 8.56 -4.40 6.15
N ALA C 99 9.76 -3.88 5.96
CA ALA C 99 10.66 -3.57 7.09
C ALA C 99 10.01 -2.60 8.06
N ARG C 100 9.31 -1.62 7.54
CA ARG C 100 8.70 -0.61 8.37
C ARG C 100 7.72 -1.27 9.34
N HIS C 101 6.87 -2.17 8.85
CA HIS C 101 5.94 -2.92 9.70
C HIS C 101 6.65 -3.94 10.61
N GLU C 102 7.53 -4.73 10.03
CA GLU C 102 8.21 -5.76 10.78
C GLU C 102 9.06 -5.19 11.93
N HIS C 103 9.76 -4.08 11.68
CA HIS C 103 10.75 -3.59 12.64
C HIS C 103 10.30 -2.39 13.46
N GLY C 104 9.06 -1.95 13.25
CA GLY C 104 8.55 -0.79 13.94
C GLY C 104 9.30 0.48 13.69
N LEU C 105 9.17 1.02 12.48
CA LEU C 105 9.84 2.26 12.07
C LEU C 105 8.83 3.33 11.55
N PRO C 106 7.94 3.82 12.43
CA PRO C 106 6.74 4.58 11.96
C PRO C 106 7.01 5.95 11.28
N ASN C 107 8.04 6.66 11.70
CA ASN C 107 8.17 8.01 11.21
C ASN C 107 9.24 8.22 10.16
N ILE C 108 10.14 7.30 9.97
CA ILE C 108 11.31 7.52 9.10
CA ILE C 108 11.27 7.65 9.11
C ILE C 108 10.83 7.64 7.66
N ALA C 109 11.49 8.46 6.87
CA ALA C 109 11.33 8.41 5.43
C ALA C 109 12.25 7.27 4.95
N LEU C 110 11.68 6.27 4.26
CA LEU C 110 12.46 5.18 3.65
C LEU C 110 12.40 5.28 2.15
N LEU C 111 13.56 5.49 1.53
CA LEU C 111 13.65 5.73 0.09
C LEU C 111 14.56 4.74 -0.62
N SER C 112 14.19 4.36 -1.84
CA SER C 112 14.89 3.42 -2.68
C SER C 112 15.53 4.08 -3.89
N THR C 113 16.72 3.61 -4.24
CA THR C 113 17.40 4.08 -5.39
C THR C 113 17.05 3.27 -6.63
N LEU C 114 16.03 2.42 -6.58
CA LEU C 114 15.85 1.47 -7.70
C LEU C 114 15.75 2.07 -9.10
N ARG C 115 15.17 3.26 -9.27
CA ARG C 115 15.05 3.95 -10.57
CA ARG C 115 15.07 3.76 -10.66
C ARG C 115 16.38 4.35 -11.15
N ARG C 117 21.97 3.89 -10.55
CA ARG C 117 22.97 4.29 -9.53
C ARG C 117 23.33 5.77 -9.69
N ASP C 118 22.42 6.56 -10.29
CA ASP C 118 22.75 7.98 -10.58
CA ASP C 118 22.76 7.98 -10.57
C ASP C 118 22.83 8.72 -9.23
N PHE C 119 21.93 8.42 -8.32
CA PHE C 119 22.04 8.91 -6.96
C PHE C 119 23.40 8.56 -6.34
N HIS C 120 23.85 7.33 -6.54
CA HIS C 120 25.06 6.83 -5.85
C HIS C 120 26.30 7.69 -6.21
N LYS C 121 26.52 7.95 -7.49
CA LYS C 121 27.70 8.68 -7.86
CA LYS C 121 27.68 8.72 -7.95
C LYS C 121 27.56 10.13 -7.42
N ARG C 122 26.40 10.73 -7.61
CA ARG C 122 26.17 12.13 -7.24
C ARG C 122 26.30 12.38 -5.76
N TYR C 123 26.10 11.37 -4.91
CA TYR C 123 26.27 11.51 -3.45
C TYR C 123 27.56 10.91 -2.93
N GLY C 124 28.38 10.41 -3.85
CA GLY C 124 29.68 9.91 -3.52
C GLY C 124 29.62 8.70 -2.64
N VAL C 125 28.61 7.86 -2.92
CA VAL C 125 28.50 6.61 -2.26
C VAL C 125 28.50 5.44 -3.25
N LEU C 126 29.01 5.56 -4.52
CA LEU C 126 28.88 4.39 -5.43
C LEU C 126 29.91 3.27 -4.99
N ILE C 127 29.45 2.03 -4.73
CA ILE C 127 30.37 0.84 -4.74
C ILE C 127 30.14 0.01 -6.02
N THR C 128 31.20 -0.33 -6.75
CA THR C 128 31.07 -1.16 -7.95
C THR C 128 31.72 -2.55 -7.81
N GLU C 129 32.42 -2.80 -6.71
CA GLU C 129 33.17 -4.04 -6.59
C GLU C 129 32.48 -5.08 -5.75
N TYR C 130 32.66 -6.35 -6.17
CA TYR C 130 32.22 -7.50 -5.42
C TYR C 130 32.75 -7.39 -3.98
N PRO C 131 31.94 -7.72 -2.97
CA PRO C 131 30.56 -8.27 -3.05
C PRO C 131 29.47 -7.21 -2.83
N LEU C 132 29.82 -5.93 -2.89
CA LEU C 132 28.85 -4.85 -2.57
C LEU C 132 28.50 -4.03 -3.78
N SER C 133 28.75 -4.59 -4.94
CA SER C 133 28.50 -3.94 -6.21
C SER C 133 27.05 -3.45 -6.28
N GLY C 134 26.87 -2.15 -6.50
CA GLY C 134 25.56 -1.53 -6.63
C GLY C 134 24.96 -1.04 -5.33
N TYR C 135 25.55 -1.37 -4.17
CA TYR C 135 25.02 -0.89 -2.89
C TYR C 135 25.43 0.56 -2.66
N THR C 136 24.64 1.27 -1.86
CA THR C 136 25.09 2.58 -1.36
C THR C 136 25.93 2.35 -0.08
N SER C 137 27.15 2.86 -0.11
CA SER C 137 28.07 2.83 1.00
C SER C 137 27.46 3.64 2.15
N PRO C 138 27.64 3.19 3.38
CA PRO C 138 26.97 3.88 4.46
C PRO C 138 27.54 5.25 4.78
N ALA C 139 26.64 6.21 5.04
CA ALA C 139 27.02 7.62 5.23
C ALA C 139 25.92 8.36 5.96
N ILE C 140 26.27 9.50 6.51
CA ILE C 140 25.35 10.36 7.20
C ILE C 140 25.63 11.78 6.76
N ILE C 141 24.55 12.54 6.50
CA ILE C 141 24.61 13.93 6.15
C ILE C 141 23.54 14.68 6.93
N LEU C 142 23.99 15.66 7.71
CA LEU C 142 23.14 16.60 8.42
C LEU C 142 22.98 17.83 7.54
N ALA C 143 21.74 18.19 7.24
CA ALA C 143 21.47 19.35 6.40
C ALA C 143 20.37 20.19 7.07
N ASP C 144 20.41 21.48 6.86
CA ASP C 144 19.35 22.36 7.41
C ASP C 144 18.16 22.45 6.47
N ALA C 145 17.15 23.26 6.82
CA ALA C 145 16.00 23.41 5.96
C ALA C 145 16.32 24.07 4.62
N ALA C 146 17.43 24.79 4.51
CA ALA C 146 17.89 25.26 3.19
C ALA C 146 18.58 24.21 2.33
N ASN C 147 18.65 23.00 2.84
CA ASN C 147 19.43 21.87 2.30
C ASN C 147 20.93 22.13 2.21
N VAL C 148 21.45 22.91 3.16
CA VAL C 148 22.86 23.13 3.27
C VAL C 148 23.44 22.16 4.24
N VAL C 149 24.54 21.55 3.83
CA VAL C 149 25.21 20.53 4.63
C VAL C 149 25.96 21.16 5.82
N HIS C 150 25.67 20.68 7.03
CA HIS C 150 26.44 21.06 8.23
C HIS C 150 27.45 20.05 8.75
N TYR C 151 27.28 18.79 8.35
CA TYR C 151 28.13 17.69 8.79
C TYR C 151 27.90 16.56 7.84
N SER C 152 28.98 15.86 7.48
CA SER C 152 28.81 14.63 6.68
C SER C 152 29.98 13.70 6.96
N GLU C 153 29.73 12.42 6.84
CA GLU C 153 30.68 11.37 7.18
C GLU C 153 30.32 10.08 6.47
N ARG C 154 31.28 9.50 5.80
CA ARG C 154 31.13 8.11 5.28
C ARG C 154 31.82 7.18 6.22
N LEU C 155 31.20 6.05 6.50
CA LEU C 155 31.83 5.04 7.35
C LEU C 155 32.96 4.37 6.60
N ALA C 156 34.08 4.22 7.30
CA ALA C 156 35.21 3.49 6.79
C ALA C 156 35.08 1.99 6.99
N ASN C 157 34.19 1.56 7.91
CA ASN C 157 34.01 0.15 8.13
C ASN C 157 32.52 -0.05 8.36
N THR C 158 31.95 -1.02 7.66
CA THR C 158 30.49 -1.24 7.72
C THR C 158 29.95 -1.54 9.10
N ARG C 159 30.80 -1.93 10.05
CA ARG C 159 30.32 -2.24 11.41
C ARG C 159 30.47 -1.08 12.38
N ASP C 160 31.00 0.03 11.93
CA ASP C 160 31.13 1.21 12.77
C ASP C 160 29.82 1.99 12.91
N PHE C 161 29.76 2.82 13.93
CA PHE C 161 28.70 3.81 14.06
C PHE C 161 29.24 5.15 13.59
N PHE C 162 28.33 6.01 13.13
CA PHE C 162 28.65 7.42 12.85
C PHE C 162 29.12 8.12 14.10
N ASP C 163 29.81 9.23 13.93
CA ASP C 163 30.37 9.99 15.03
C ASP C 163 29.27 10.93 15.58
N PHE C 164 28.37 10.33 16.35
CA PHE C 164 27.22 11.03 16.86
C PHE C 164 27.65 12.14 17.83
N ASP C 165 28.73 11.90 18.57
CA ASP C 165 29.27 12.93 19.43
C ASP C 165 29.61 14.20 18.68
N ALA C 166 30.23 14.06 17.51
CA ALA C 166 30.57 15.18 16.66
C ALA C 166 29.34 15.91 16.15
N ILE C 167 28.28 15.15 15.84
CA ILE C 167 27.05 15.76 15.33
C ILE C 167 26.33 16.47 16.50
N GLU C 168 26.31 15.84 17.65
CA GLU C 168 25.67 16.45 18.81
C GLU C 168 26.31 17.80 19.17
N LYS C 169 27.63 17.86 19.11
CA LYS C 169 28.37 19.08 19.42
C LYS C 169 27.96 20.20 18.49
N LEU C 170 27.88 19.92 17.20
CA LEU C 170 27.43 20.95 16.25
C LEU C 170 25.99 21.38 16.49
N LEU C 171 25.09 20.44 16.77
CA LEU C 171 23.71 20.80 17.04
C LEU C 171 23.60 21.62 18.31
N GLN C 172 24.39 21.28 19.31
CA GLN C 172 24.39 22.02 20.58
C GLN C 172 24.96 23.41 20.40
N GLU C 173 26.05 23.53 19.65
CA GLU C 173 26.66 24.84 19.32
C GLU C 173 25.69 25.72 18.54
N GLY C 174 24.89 25.09 17.67
CA GLY C 174 23.74 25.73 17.04
C GLY C 174 22.72 26.31 18.00
N GLU C 175 22.19 25.51 18.92
CA GLU C 175 21.18 26.01 19.82
CA GLU C 175 21.18 25.96 19.89
C GLU C 175 21.71 26.97 20.92
N GLN C 176 22.97 26.83 21.36
CA GLN C 176 23.62 27.79 22.26
CA GLN C 176 23.60 27.83 22.25
C GLN C 176 24.40 28.82 21.43
N GLU D 4 3.86 0.98 -27.62
CA GLU D 4 4.25 -0.09 -26.62
C GLU D 4 3.98 -1.50 -27.15
N ASP D 5 4.75 -2.48 -26.75
CA ASP D 5 4.34 -3.75 -27.21
CA ASP D 5 4.57 -3.85 -27.16
C ASP D 5 3.75 -4.65 -26.13
N PHE D 6 3.74 -4.20 -24.86
CA PHE D 6 3.08 -4.97 -23.80
C PHE D 6 2.72 -4.01 -22.64
N TRP D 7 1.61 -4.33 -21.97
CA TRP D 7 1.12 -3.57 -20.84
C TRP D 7 0.83 -4.56 -19.74
N VAL D 8 1.10 -4.12 -18.51
CA VAL D 8 0.76 -4.88 -17.33
C VAL D 8 -0.17 -4.06 -16.43
N GLN D 9 -1.22 -4.71 -15.93
CA GLN D 9 -2.18 -4.05 -15.03
C GLN D 9 -1.82 -4.30 -13.58
N TYR D 10 -1.76 -3.20 -12.80
CA TYR D 10 -1.37 -3.24 -11.41
C TYR D 10 -2.42 -2.41 -10.68
N GLY D 11 -3.39 -3.08 -10.06
CA GLY D 11 -4.56 -2.35 -9.49
C GLY D 11 -5.28 -1.64 -10.60
N ASP D 12 -5.44 -0.31 -10.46
CA ASP D 12 -6.09 0.50 -11.48
CA ASP D 12 -6.09 0.50 -11.48
C ASP D 12 -5.10 1.15 -12.47
N GLU D 13 -3.85 0.77 -12.41
CA GLU D 13 -2.88 1.40 -13.35
C GLU D 13 -2.53 0.39 -14.47
N LEU D 15 0.46 -0.18 -17.21
CA LEU D 15 1.83 0.32 -17.36
C LEU D 15 2.56 -0.35 -18.51
N PRO D 16 3.31 0.44 -19.29
CA PRO D 16 4.10 -0.24 -20.36
C PRO D 16 5.21 -1.11 -19.82
N VAL D 17 5.48 -2.22 -20.52
CA VAL D 17 6.60 -3.12 -20.25
C VAL D 17 7.46 -3.06 -21.50
N ILE D 18 8.76 -2.80 -21.30
CA ILE D 18 9.68 -2.44 -22.39
CA ILE D 18 9.66 -2.44 -22.40
C ILE D 18 10.74 -3.50 -22.56
N GLY D 19 11.14 -3.73 -23.81
CA GLY D 19 12.27 -4.59 -24.15
C GLY D 19 11.81 -5.75 -24.98
N ASP D 20 12.71 -6.64 -25.34
CA ASP D 20 12.37 -7.78 -26.21
C ASP D 20 12.32 -9.03 -25.33
N PHE D 21 11.12 -9.50 -25.07
CA PHE D 21 10.91 -10.65 -24.19
C PHE D 21 11.24 -11.91 -24.96
N PRO D 22 12.05 -12.80 -24.39
CA PRO D 22 12.44 -14.01 -25.12
C PRO D 22 11.26 -14.88 -25.51
N ARG D 23 11.40 -15.51 -26.66
CA ARG D 23 10.34 -16.32 -27.25
CA ARG D 23 10.34 -16.31 -27.26
C ARG D 23 10.83 -17.73 -27.49
N LYS D 24 9.88 -18.62 -27.68
CA LYS D 24 10.15 -20.01 -28.00
C LYS D 24 11.19 -20.10 -29.12
N GLY D 25 12.21 -20.92 -28.89
CA GLY D 25 13.26 -21.13 -29.89
C GLY D 25 14.45 -20.24 -29.75
N ASP D 26 14.32 -19.17 -28.96
CA ASP D 26 15.43 -18.28 -28.63
C ASP D 26 16.39 -18.92 -27.65
N TYR D 27 17.67 -18.59 -27.78
CA TYR D 27 18.62 -18.83 -26.69
C TYR D 27 18.47 -17.67 -25.69
N LEU D 28 18.48 -17.99 -24.38
CA LEU D 28 18.40 -16.95 -23.35
C LEU D 28 19.47 -15.92 -23.54
N PRO D 29 19.10 -14.65 -23.41
CA PRO D 29 20.13 -13.59 -23.27
C PRO D 29 20.99 -13.81 -22.04
N SER D 30 22.28 -13.47 -22.15
CA SER D 30 23.21 -13.57 -21.06
C SER D 30 22.77 -12.59 -19.98
N PHE D 31 23.10 -12.91 -18.75
CA PHE D 31 22.92 -11.98 -17.67
C PHE D 31 24.07 -12.05 -16.68
N LEU D 33 24.01 -11.17 -12.74
CA LEU D 33 23.19 -10.80 -11.61
C LEU D 33 23.96 -11.11 -10.35
N VAL D 34 23.35 -10.85 -9.19
CA VAL D 34 23.96 -11.08 -7.89
CA VAL D 34 23.98 -11.21 -7.93
C VAL D 34 22.96 -11.94 -7.08
N ASP D 35 23.37 -13.03 -6.49
CA ASP D 35 22.45 -13.84 -5.70
C ASP D 35 22.36 -13.36 -4.27
N ASP D 36 21.55 -14.06 -3.51
CA ASP D 36 21.27 -13.65 -2.14
C ASP D 36 22.43 -13.70 -1.16
N GLN D 37 23.49 -14.43 -1.50
CA GLN D 37 24.71 -14.38 -0.68
C GLN D 37 25.74 -13.49 -1.29
N LYS D 38 25.32 -12.63 -2.21
CA LYS D 38 26.18 -11.58 -2.81
C LYS D 38 27.20 -12.09 -3.84
N HIS D 39 27.02 -13.34 -4.27
CA HIS D 39 27.88 -13.96 -5.33
C HIS D 39 27.42 -13.60 -6.72
N ASP D 40 28.37 -13.39 -7.63
CA ASP D 40 28.01 -13.19 -9.04
C ASP D 40 27.22 -14.41 -9.56
N ALA D 41 26.22 -14.17 -10.40
CA ALA D 41 25.39 -15.25 -10.97
C ALA D 41 25.26 -14.95 -12.47
N ALA D 42 25.70 -15.88 -13.32
CA ALA D 42 25.51 -15.78 -14.76
C ALA D 42 24.76 -17.04 -15.22
N LEU D 43 24.40 -17.14 -16.50
CA LEU D 43 23.80 -18.40 -16.99
C LEU D 43 24.67 -19.61 -16.72
N GLU D 44 25.96 -19.43 -16.90
CA GLU D 44 26.92 -20.49 -16.60
C GLU D 44 26.90 -20.97 -15.18
N SER D 45 26.39 -20.18 -14.24
CA SER D 45 26.28 -20.60 -12.85
CA SER D 45 26.34 -20.67 -12.87
C SER D 45 25.26 -21.75 -12.73
N PHE D 46 24.44 -21.94 -13.78
CA PHE D 46 23.34 -22.90 -13.81
C PHE D 46 23.55 -23.84 -14.99
N SER D 47 24.77 -24.35 -15.11
CA SER D 47 25.12 -25.21 -16.23
CA SER D 47 25.13 -25.22 -16.23
C SER D 47 24.47 -26.60 -16.12
N HIS D 48 24.22 -27.17 -17.30
CA HIS D 48 23.70 -28.52 -17.44
C HIS D 48 22.42 -28.77 -16.65
N THR D 49 21.50 -27.81 -16.65
CA THR D 49 20.19 -28.06 -16.11
C THR D 49 19.13 -27.26 -16.85
N PRO D 50 17.97 -27.85 -17.07
CA PRO D 50 16.86 -27.05 -17.52
C PRO D 50 16.46 -26.12 -16.41
N LYS D 51 15.84 -25.03 -16.81
CA LYS D 51 15.52 -23.94 -15.87
C LYS D 51 14.17 -23.34 -16.10
N LEU D 52 13.59 -22.87 -15.03
CA LEU D 52 12.35 -22.08 -15.04
C LEU D 52 12.70 -20.73 -14.40
N ILE D 53 12.81 -19.72 -15.24
CA ILE D 53 13.14 -18.37 -14.79
C ILE D 53 11.84 -17.60 -14.54
N VAL D 54 11.71 -17.00 -13.35
CA VAL D 54 10.57 -16.22 -12.98
C VAL D 54 11.06 -14.84 -12.51
N THR D 55 10.51 -13.79 -13.11
CA THR D 55 10.65 -12.46 -12.56
C THR D 55 9.40 -12.18 -11.73
N LEU D 56 9.58 -11.68 -10.50
CA LEU D 56 8.46 -11.28 -9.63
C LEU D 56 8.61 -9.81 -9.42
N LEU D 57 7.57 -9.11 -8.94
CA LEU D 57 7.79 -7.81 -8.39
C LEU D 57 8.61 -7.94 -7.11
N SER D 58 8.27 -8.77 -6.04
CA SER D 58 9.21 -8.82 -5.02
C SER D 58 8.88 -9.95 -4.10
N VAL D 59 9.89 -10.44 -3.43
CA VAL D 59 9.69 -11.42 -2.39
C VAL D 59 8.92 -10.78 -1.24
N ASP D 60 8.80 -9.44 -1.23
CA ASP D 60 8.03 -8.74 -0.19
C ASP D 60 6.71 -8.18 -0.69
N GLU D 61 6.29 -8.56 -1.89
CA GLU D 61 4.90 -8.43 -2.28
C GLU D 61 4.21 -9.77 -1.97
N ASP D 62 2.90 -9.75 -1.95
CA ASP D 62 2.15 -10.94 -1.59
C ASP D 62 1.23 -11.29 -2.75
N GLU D 63 0.06 -10.62 -2.84
CA GLU D 63 -0.83 -10.89 -3.96
CA GLU D 63 -0.89 -10.79 -3.97
C GLU D 63 -0.33 -10.34 -5.31
N HIS D 64 0.46 -9.26 -5.30
CA HIS D 64 0.97 -8.67 -6.54
C HIS D 64 2.33 -9.24 -6.98
N ALA D 65 2.30 -10.34 -7.73
CA ALA D 65 3.47 -10.96 -8.34
C ALA D 65 4.64 -11.02 -7.33
N GLY D 66 4.35 -11.68 -6.23
CA GLY D 66 5.26 -11.88 -5.09
C GLY D 66 5.17 -13.29 -4.51
N LEU D 67 5.05 -13.42 -3.18
CA LEU D 67 5.21 -14.72 -2.57
C LEU D 67 4.12 -15.71 -2.95
N LEU D 68 2.92 -15.21 -3.21
CA LEU D 68 1.84 -16.12 -3.65
C LEU D 68 2.15 -16.67 -5.05
N LEU D 69 2.54 -15.82 -6.04
CA LEU D 69 2.91 -16.32 -7.36
C LEU D 69 4.05 -17.35 -7.15
N LEU D 70 4.97 -17.06 -6.27
CA LEU D 70 6.08 -17.96 -6.01
C LEU D 70 5.62 -19.31 -5.43
N ARG D 71 4.69 -19.30 -4.46
CA ARG D 71 4.21 -20.53 -3.89
C ARG D 71 3.56 -21.39 -4.96
N GLU D 72 2.79 -20.77 -5.86
CA GLU D 72 2.12 -21.54 -6.91
C GLU D 72 3.13 -22.18 -7.87
N THR D 73 4.19 -21.45 -8.18
CA THR D 73 5.25 -21.92 -9.05
C THR D 73 5.97 -23.11 -8.34
N ARG D 74 6.25 -23.01 -7.02
CA ARG D 74 6.89 -24.10 -6.29
CA ARG D 74 6.86 -24.10 -6.25
C ARG D 74 5.98 -25.33 -6.27
N ARG D 75 4.68 -25.14 -6.05
CA ARG D 75 3.76 -26.24 -6.08
C ARG D 75 3.71 -26.93 -7.46
N PHE D 76 3.70 -26.13 -8.53
CA PHE D 76 3.75 -26.69 -9.88
C PHE D 76 4.99 -27.58 -10.05
N LEU D 77 6.11 -27.10 -9.57
CA LEU D 77 7.38 -27.80 -9.69
C LEU D 77 7.52 -29.05 -8.82
N ASP D 78 6.58 -29.32 -7.92
CA ASP D 78 6.57 -30.63 -7.25
C ASP D 78 6.58 -31.78 -8.26
N SER D 79 5.96 -31.57 -9.42
CA SER D 79 5.93 -32.58 -10.47
C SER D 79 7.19 -32.65 -11.33
N TRP D 80 8.06 -31.65 -11.24
CA TRP D 80 9.21 -31.51 -12.15
C TRP D 80 10.44 -31.15 -11.33
N PRO D 81 10.90 -32.11 -10.48
CA PRO D 81 12.02 -31.82 -9.58
C PRO D 81 13.34 -31.49 -10.30
N HIS D 82 13.46 -31.73 -11.60
CA HIS D 82 14.75 -31.54 -12.24
C HIS D 82 14.89 -30.16 -12.88
N LEU D 83 13.88 -29.32 -12.75
CA LEU D 83 13.86 -28.02 -13.34
C LEU D 83 14.36 -27.03 -12.30
N LYS D 84 15.38 -26.27 -12.64
CA LYS D 84 15.94 -25.33 -11.65
C LYS D 84 15.10 -24.03 -11.63
N LEU D 85 14.54 -23.68 -10.48
CA LEU D 85 13.75 -22.45 -10.36
C LEU D 85 14.72 -21.30 -10.06
N ILE D 86 14.68 -20.29 -10.89
CA ILE D 86 15.55 -19.09 -10.77
C ILE D 86 14.61 -17.88 -10.69
N VAL D 87 14.59 -17.25 -9.54
CA VAL D 87 13.73 -16.11 -9.27
C VAL D 87 14.63 -14.89 -9.40
N ILE D 88 14.17 -13.91 -10.18
CA ILE D 88 14.90 -12.67 -10.38
C ILE D 88 14.01 -11.49 -10.01
N THR D 89 14.50 -10.58 -9.15
CA THR D 89 13.79 -9.37 -8.77
C THR D 89 14.74 -8.16 -8.64
N VAL D 90 14.15 -6.99 -8.42
CA VAL D 90 14.91 -5.80 -8.10
CA VAL D 90 14.86 -5.79 -8.10
C VAL D 90 15.23 -5.72 -6.62
N ASP D 91 14.78 -6.69 -5.82
CA ASP D 91 15.14 -6.71 -4.40
C ASP D 91 16.67 -6.71 -4.20
N SER D 92 17.14 -6.11 -3.13
CA SER D 92 18.54 -6.20 -2.77
C SER D 92 18.89 -7.69 -2.42
N PRO D 93 20.17 -8.07 -2.62
CA PRO D 93 20.61 -9.34 -2.09
C PRO D 93 20.29 -9.54 -0.61
N SER D 94 20.43 -8.50 0.19
CA SER D 94 20.16 -8.59 1.63
C SER D 94 18.69 -9.00 1.89
N SER D 95 17.74 -8.37 1.19
CA SER D 95 16.30 -8.71 1.32
C SER D 95 15.95 -10.12 0.81
N LEU D 96 16.64 -10.55 -0.23
CA LEU D 96 16.47 -11.91 -0.77
C LEU D 96 16.97 -12.94 0.26
N ALA D 97 18.12 -12.68 0.89
CA ALA D 97 18.65 -13.54 1.95
C ALA D 97 17.67 -13.61 3.09
N ARG D 98 17.09 -12.47 3.45
CA ARG D 98 16.08 -12.44 4.49
C ARG D 98 14.84 -13.31 4.12
N ALA D 99 14.37 -13.20 2.89
CA ALA D 99 13.23 -14.03 2.39
C ALA D 99 13.57 -15.52 2.54
N ARG D 100 14.78 -15.91 2.16
CA ARG D 100 15.19 -17.32 2.28
C ARG D 100 15.18 -17.75 3.73
N HIS D 101 15.77 -16.93 4.60
CA HIS D 101 15.79 -17.19 6.01
C HIS D 101 14.41 -17.40 6.57
N GLU D 102 13.47 -16.55 6.19
CA GLU D 102 12.11 -16.56 6.80
C GLU D 102 11.18 -17.57 6.11
N HIS D 103 11.37 -17.83 4.82
CA HIS D 103 10.44 -18.70 4.07
C HIS D 103 11.01 -20.01 3.53
N GLY D 104 12.30 -20.24 3.66
CA GLY D 104 12.88 -21.51 3.24
C GLY D 104 13.31 -21.60 1.77
N LEU D 105 12.34 -21.71 0.88
CA LEU D 105 12.61 -21.57 -0.57
C LEU D 105 13.68 -22.54 -1.03
N PRO D 106 13.49 -23.83 -0.70
CA PRO D 106 14.56 -24.81 -0.88
C PRO D 106 14.97 -24.95 -2.35
N ASN D 107 16.27 -24.87 -2.62
CA ASN D 107 16.79 -25.01 -3.98
C ASN D 107 16.39 -23.95 -5.01
N ILE D 108 15.88 -22.82 -4.56
CA ILE D 108 15.49 -21.74 -5.49
C ILE D 108 16.65 -20.76 -5.53
N ALA D 109 17.12 -20.38 -6.73
CA ALA D 109 18.11 -19.32 -6.86
C ALA D 109 17.31 -18.03 -6.71
N LEU D 110 17.81 -17.12 -5.87
CA LEU D 110 17.19 -15.81 -5.65
C LEU D 110 18.22 -14.80 -6.14
N LEU D 111 17.90 -14.13 -7.23
CA LEU D 111 18.85 -13.24 -7.90
C LEU D 111 18.32 -11.82 -7.97
N SER D 112 19.21 -10.87 -7.72
CA SER D 112 18.95 -9.42 -7.75
C SER D 112 19.54 -8.76 -8.99
N THR D 113 18.81 -7.78 -9.49
CA THR D 113 19.26 -6.98 -10.61
C THR D 113 20.11 -5.78 -10.20
N LEU D 114 20.52 -5.69 -8.93
CA LEU D 114 21.27 -4.49 -8.58
CA LEU D 114 21.42 -4.63 -8.43
C LEU D 114 22.64 -4.38 -9.34
N ARG D 115 23.35 -5.47 -9.67
CA ARG D 115 24.70 -5.37 -10.34
CA ARG D 115 24.69 -5.31 -10.31
C ARG D 115 24.53 -4.67 -11.68
N GLY D 116 23.41 -4.91 -12.33
CA GLY D 116 23.15 -4.21 -13.58
C GLY D 116 21.68 -4.28 -13.96
N ARG D 117 21.00 -3.13 -13.81
CA ARG D 117 19.58 -3.10 -14.04
C ARG D 117 19.20 -3.27 -15.53
N ASP D 118 20.18 -3.23 -16.44
CA ASP D 118 19.93 -3.45 -17.87
C ASP D 118 19.46 -4.91 -18.25
N PHE D 119 19.59 -5.84 -17.33
CA PHE D 119 18.83 -7.08 -17.40
C PHE D 119 17.38 -6.80 -17.80
N HIS D 120 16.78 -5.77 -17.22
CA HIS D 120 15.31 -5.60 -17.35
C HIS D 120 14.93 -5.45 -18.83
N LYS D 121 15.65 -4.60 -19.54
CA LYS D 121 15.34 -4.37 -20.90
C LYS D 121 15.74 -5.53 -21.81
N ARG D 122 16.85 -6.19 -21.49
CA ARG D 122 17.36 -7.30 -22.27
CA ARG D 122 17.31 -7.28 -22.34
C ARG D 122 16.42 -8.50 -22.21
N TYR D 123 15.62 -8.58 -21.14
CA TYR D 123 14.64 -9.67 -20.93
C TYR D 123 13.19 -9.23 -21.17
N GLY D 124 13.03 -7.99 -21.58
CA GLY D 124 11.71 -7.47 -21.94
C GLY D 124 10.76 -7.35 -20.75
N VAL D 125 11.29 -6.97 -19.59
CA VAL D 125 10.49 -6.83 -18.38
C VAL D 125 10.68 -5.48 -17.72
N LEU D 126 11.16 -4.50 -18.46
CA LEU D 126 11.40 -3.17 -17.89
C LEU D 126 10.08 -2.40 -17.70
N ILE D 127 9.87 -1.84 -16.53
CA ILE D 127 8.79 -0.88 -16.29
C ILE D 127 9.43 0.41 -15.84
N THR D 128 9.02 1.50 -16.45
CA THR D 128 9.54 2.81 -16.04
C THR D 128 8.51 3.78 -15.48
N GLU D 129 7.22 3.43 -15.47
CA GLU D 129 6.19 4.37 -14.99
C GLU D 129 5.73 4.09 -13.58
N TYR D 130 5.44 5.18 -12.86
CA TYR D 130 4.78 5.13 -11.54
C TYR D 130 3.59 4.22 -11.63
N PRO D 131 3.38 3.38 -10.63
CA PRO D 131 4.16 3.20 -9.43
C PRO D 131 5.17 2.05 -9.45
N LEU D 132 5.39 1.42 -10.62
CA LEU D 132 6.28 0.25 -10.70
C LEU D 132 7.60 0.56 -11.45
N SER D 133 7.93 1.84 -11.54
CA SER D 133 9.20 2.29 -12.10
CA SER D 133 9.20 2.31 -12.07
C SER D 133 10.36 1.54 -11.46
N GLY D 134 11.17 0.95 -12.32
CA GLY D 134 12.37 0.18 -11.91
C GLY D 134 12.14 -1.28 -11.57
N TYR D 135 10.88 -1.72 -11.46
CA TYR D 135 10.61 -3.11 -11.12
C TYR D 135 10.74 -4.01 -12.36
N THR D 136 10.96 -5.30 -12.10
CA THR D 136 10.84 -6.37 -13.12
C THR D 136 9.40 -6.78 -13.28
N SER D 137 8.84 -6.58 -14.48
CA SER D 137 7.49 -7.04 -14.70
C SER D 137 7.44 -8.58 -14.61
N PRO D 138 6.40 -9.14 -14.01
CA PRO D 138 6.31 -10.58 -13.74
C PRO D 138 6.14 -11.48 -14.99
N ALA D 139 6.98 -12.51 -15.04
CA ALA D 139 7.09 -13.36 -16.22
C ALA D 139 7.71 -14.70 -15.89
N ILE D 140 7.49 -15.64 -16.80
CA ILE D 140 8.00 -17.01 -16.63
C ILE D 140 8.64 -17.37 -17.95
N ILE D 141 9.81 -17.99 -17.89
CA ILE D 141 10.48 -18.61 -19.04
C ILE D 141 10.95 -20.02 -18.70
N LEU D 142 10.51 -21.00 -19.47
CA LEU D 142 11.01 -22.35 -19.40
C LEU D 142 12.08 -22.55 -20.47
N ALA D 143 13.28 -22.95 -20.04
CA ALA D 143 14.43 -23.20 -20.93
C ALA D 143 15.05 -24.53 -20.61
N ASP D 144 15.52 -25.20 -21.64
CA ASP D 144 16.21 -26.47 -21.44
C ASP D 144 17.68 -26.25 -21.02
N ALA D 145 18.44 -27.34 -20.94
CA ALA D 145 19.76 -27.26 -20.42
C ALA D 145 20.70 -26.57 -21.40
N ALA D 146 20.32 -26.46 -22.70
CA ALA D 146 21.04 -25.65 -23.69
C ALA D 146 20.67 -24.16 -23.69
N ASN D 147 19.83 -23.77 -22.75
CA ASN D 147 19.29 -22.41 -22.62
C ASN D 147 18.41 -21.99 -23.76
N VAL D 148 17.76 -22.96 -24.42
CA VAL D 148 16.78 -22.64 -25.44
C VAL D 148 15.42 -22.55 -24.80
N VAL D 149 14.67 -21.52 -25.18
CA VAL D 149 13.34 -21.26 -24.61
C VAL D 149 12.28 -22.22 -25.20
N HIS D 150 11.52 -22.89 -24.34
CA HIS D 150 10.38 -23.75 -24.79
C HIS D 150 9.01 -23.10 -24.57
N TYR D 151 8.96 -22.16 -23.64
CA TYR D 151 7.72 -21.46 -23.27
C TYR D 151 8.08 -20.15 -22.59
N SER D 152 7.36 -19.09 -22.89
CA SER D 152 7.55 -17.85 -22.15
C SER D 152 6.21 -17.09 -22.04
N GLU D 153 6.05 -16.32 -20.99
CA GLU D 153 4.81 -15.61 -20.81
C GLU D 153 5.05 -14.47 -19.85
N ARG D 154 4.57 -13.28 -20.23
CA ARG D 154 4.53 -12.09 -19.35
C ARG D 154 3.08 -12.03 -18.80
N LEU D 155 2.91 -11.87 -17.50
CA LEU D 155 1.60 -11.65 -16.95
C LEU D 155 1.02 -10.29 -17.39
N ALA D 156 -0.26 -10.30 -17.75
CA ALA D 156 -0.99 -9.07 -18.13
C ALA D 156 -1.56 -8.30 -16.93
N ASN D 157 -1.61 -8.97 -15.78
CA ASN D 157 -2.16 -8.41 -14.56
C ASN D 157 -1.32 -8.98 -13.45
N THR D 158 -0.84 -8.08 -12.59
CA THR D 158 0.05 -8.47 -11.51
C THR D 158 -0.58 -9.46 -10.55
N ARG D 159 -1.93 -9.59 -10.51
CA ARG D 159 -2.55 -10.56 -9.60
CA ARG D 159 -2.62 -10.55 -9.62
C ARG D 159 -2.74 -11.96 -10.19
N ASP D 160 -2.46 -12.12 -11.48
CA ASP D 160 -2.67 -13.37 -12.12
C ASP D 160 -1.61 -14.43 -11.74
N PHE D 161 -1.92 -15.70 -12.04
CA PHE D 161 -0.89 -16.72 -12.07
C PHE D 161 -0.45 -17.06 -13.50
N PHE D 162 0.77 -17.59 -13.63
CA PHE D 162 1.22 -18.10 -14.92
C PHE D 162 0.34 -19.27 -15.42
N ASP D 163 0.40 -19.58 -16.73
CA ASP D 163 -0.43 -20.64 -17.30
C ASP D 163 0.32 -21.98 -17.14
N PHE D 164 0.28 -22.47 -15.89
CA PHE D 164 0.95 -23.67 -15.53
C PHE D 164 0.44 -24.85 -16.34
N ASP D 165 -0.87 -24.89 -16.61
CA ASP D 165 -1.40 -25.94 -17.50
C ASP D 165 -0.71 -26.01 -18.87
N ALA D 166 -0.44 -24.86 -19.48
CA ALA D 166 0.26 -24.83 -20.76
C ALA D 166 1.70 -25.38 -20.63
N ILE D 167 2.37 -24.98 -19.55
CA ILE D 167 3.72 -25.48 -19.26
C ILE D 167 3.70 -27.00 -19.00
N GLU D 168 2.79 -27.48 -18.16
CA GLU D 168 2.63 -28.93 -17.92
C GLU D 168 2.49 -29.71 -19.25
N LYS D 169 1.64 -29.23 -20.14
CA LYS D 169 1.40 -29.92 -21.41
C LYS D 169 2.71 -30.03 -22.22
N LEU D 170 3.50 -28.98 -22.27
CA LEU D 170 4.79 -29.04 -23.00
C LEU D 170 5.78 -30.01 -22.36
N LEU D 171 5.84 -30.00 -21.03
CA LEU D 171 6.75 -30.88 -20.33
C LEU D 171 6.31 -32.34 -20.49
N GLN D 172 5.01 -32.62 -20.40
CA GLN D 172 4.51 -33.99 -20.60
CA GLN D 172 4.51 -33.99 -20.60
C GLN D 172 4.77 -34.46 -22.04
N GLU D 173 4.60 -33.55 -23.02
CA GLU D 173 4.83 -33.89 -24.42
CA GLU D 173 4.86 -33.84 -24.44
C GLU D 173 6.32 -34.26 -24.64
N GLY D 174 7.24 -33.47 -24.07
CA GLY D 174 8.66 -33.80 -24.08
C GLY D 174 8.96 -35.16 -23.42
N GLU D 175 8.45 -35.35 -22.21
CA GLU D 175 8.62 -36.62 -21.49
C GLU D 175 8.13 -37.81 -22.33
N GLN D 176 6.93 -37.72 -22.90
CA GLN D 176 6.38 -38.87 -23.66
C GLN D 176 7.11 -39.10 -24.99
N GLN D 177 7.80 -38.08 -25.51
CA GLN D 177 8.79 -38.28 -26.61
C GLN D 177 10.02 -39.10 -26.15
N ALA D 178 10.80 -38.56 -25.21
CA ALA D 178 11.86 -39.35 -24.58
C ALA D 178 11.26 -40.63 -23.97
#